data_6Q5Q
# 
_entry.id   6Q5Q 
# 
_audit_conform.dict_name       mmcif_pdbx.dic 
_audit_conform.dict_version    5.398 
_audit_conform.dict_location   http://mmcif.pdb.org/dictionaries/ascii/mmcif_pdbx.dic 
# 
loop_
_database_2.database_id 
_database_2.database_code 
_database_2.pdbx_database_accession 
_database_2.pdbx_DOI 
PDB   6Q5Q         pdb_00006q5q 10.2210/pdb6q5q/pdb 
WWPDB D_1200012901 ?            ?                   
# 
loop_
_pdbx_audit_revision_history.ordinal 
_pdbx_audit_revision_history.data_content_type 
_pdbx_audit_revision_history.major_revision 
_pdbx_audit_revision_history.minor_revision 
_pdbx_audit_revision_history.revision_date 
1 'Structure model' 1 0 2019-05-22 
2 'Structure model' 1 1 2019-06-19 
3 'Structure model' 1 2 2024-11-06 
# 
_pdbx_audit_revision_details.ordinal             1 
_pdbx_audit_revision_details.revision_ordinal    1 
_pdbx_audit_revision_details.data_content_type   'Structure model' 
_pdbx_audit_revision_details.provider            repository 
_pdbx_audit_revision_details.type                'Initial release' 
_pdbx_audit_revision_details.description         ? 
_pdbx_audit_revision_details.details             ? 
# 
loop_
_pdbx_audit_revision_group.ordinal 
_pdbx_audit_revision_group.revision_ordinal 
_pdbx_audit_revision_group.data_content_type 
_pdbx_audit_revision_group.group 
1 2 'Structure model' 'Data collection'     
2 2 'Structure model' 'Database references' 
3 3 'Structure model' 'Data collection'     
4 3 'Structure model' 'Database references' 
5 3 'Structure model' 'Structure summary'   
# 
loop_
_pdbx_audit_revision_category.ordinal 
_pdbx_audit_revision_category.revision_ordinal 
_pdbx_audit_revision_category.data_content_type 
_pdbx_audit_revision_category.category 
1 2 'Structure model' citation                  
2 2 'Structure model' citation_author           
3 2 'Structure model' pdbx_database_proc        
4 3 'Structure model' chem_comp_atom            
5 3 'Structure model' chem_comp_bond            
6 3 'Structure model' database_2                
7 3 'Structure model' pdbx_entry_details        
8 3 'Structure model' pdbx_modification_feature 
# 
loop_
_pdbx_audit_revision_item.ordinal 
_pdbx_audit_revision_item.revision_ordinal 
_pdbx_audit_revision_item.data_content_type 
_pdbx_audit_revision_item.item 
1 2 'Structure model' '_citation.journal_volume'            
2 2 'Structure model' '_citation.page_first'                
3 2 'Structure model' '_citation.page_last'                 
4 2 'Structure model' '_citation.title'                     
5 2 'Structure model' '_citation_author.identifier_ORCID'   
6 2 'Structure model' '_citation_author.name'               
7 3 'Structure model' '_database_2.pdbx_DOI'                
8 3 'Structure model' '_database_2.pdbx_database_accession' 
# 
_pdbx_database_status.status_code                     REL 
_pdbx_database_status.status_code_sf                  REL 
_pdbx_database_status.status_code_mr                  ? 
_pdbx_database_status.entry_id                        6Q5Q 
_pdbx_database_status.recvd_initial_deposition_date   2018-12-09 
_pdbx_database_status.SG_entry                        N 
_pdbx_database_status.deposit_site                    PDBE 
_pdbx_database_status.process_site                    PDBE 
_pdbx_database_status.status_code_cs                  ? 
_pdbx_database_status.methods_development_category    ? 
_pdbx_database_status.pdb_format_compatible           Y 
_pdbx_database_status.status_code_nmr_data            ? 
# 
loop_
_audit_author.name 
_audit_author.pdbx_ordinal 
_audit_author.identifier_ORCID 
'Zaccai, N.R.'   1 0000-0002-1476-2044 
'Rhys, G.G.'     2 0000-0002-0247-9495 
'Wood, C.W.'     3 0000-0003-1243-3105 
'Beesley, J.L.'  4 0000-0003-2203-0027 
'Brady, R.L.'    5 0000-0002-3575-5513 
'Woolfson, D.N.' 6 0000-0002-0394-3202 
# 
_citation.abstract                  ? 
_citation.abstract_id_CAS           ? 
_citation.book_id_ISBN              ? 
_citation.book_publisher            ? 
_citation.book_publisher_city       ? 
_citation.book_title                ? 
_citation.coordinate_linkage        ? 
_citation.country                   US 
_citation.database_id_Medline       ? 
_citation.details                   ? 
_citation.id                        primary 
_citation.journal_abbrev            J.Am.Chem.Soc. 
_citation.journal_id_ASTM           JACSAT 
_citation.journal_id_CSD            ? 
_citation.journal_id_ISSN           1520-5126 
_citation.journal_full              ? 
_citation.journal_issue             ? 
_citation.journal_volume            141 
_citation.language                  ? 
_citation.page_first                8787 
_citation.page_last                 8797 
_citation.title                     'Navigating the Structural Landscape of De Novo alpha-Helical Bundles.' 
_citation.year                      2019 
_citation.database_id_CSD           ? 
_citation.pdbx_database_id_DOI      10.1021/jacs.8b13354 
_citation.pdbx_database_id_PubMed   31066556 
_citation.unpublished_flag          ? 
# 
loop_
_citation_author.citation_id 
_citation_author.name 
_citation_author.ordinal 
_citation_author.identifier_ORCID 
primary 'Rhys, G.G.'     1 0000-0002-0247-9495 
primary 'Wood, C.W.'     2 0000-0003-1243-3105 
primary 'Beesley, J.L.'  3 0000-0003-2203-0027 
primary 'Zaccai, N.R.'   4 0000-0002-1476-2044 
primary 'Burton, A.J.'   5 ?                   
primary 'Brady, R.L.'    6 ?                   
primary 'Thomson, A.R.'  7 0000-0002-1066-1369 
primary 'Woolfson, D.N.' 8 0000-0002-0394-3202 
# 
loop_
_entity.id 
_entity.type 
_entity.src_method 
_entity.pdbx_description 
_entity.formula_weight 
_entity.pdbx_number_of_molecules 
_entity.pdbx_ec 
_entity.pdbx_mutation 
_entity.pdbx_fragment 
_entity.details 
1 polymer     syn CC-Hex-KgEb          3363.000 1  ? ? ? 'Antiparallel four-helix coiled coil' 
2 non-polymer syn 'L(+)-TARTARIC ACID' 150.087  1  ? ? ? ?                                     
3 water       nat water                18.015   34 ? ? ? ?                                     
# 
_entity_poly.entity_id                      1 
_entity_poly.type                           'polypeptide(L)' 
_entity_poly.nstd_linkage                   no 
_entity_poly.nstd_monomer                   yes 
_entity_poly.pdbx_seq_one_letter_code       '(ACE)GKLEAIAQKLEAIAKKLEAIAWKLEAIAQGAG(NH2)' 
_entity_poly.pdbx_seq_one_letter_code_can   XGKLEAIAQKLEAIAKKLEAIAWKLEAIAQGAGX 
_entity_poly.pdbx_strand_id                 A 
_entity_poly.pdbx_target_identifier         ? 
# 
loop_
_pdbx_entity_nonpoly.entity_id 
_pdbx_entity_nonpoly.name 
_pdbx_entity_nonpoly.comp_id 
2 'L(+)-TARTARIC ACID' TLA 
3 water                HOH 
# 
loop_
_entity_poly_seq.entity_id 
_entity_poly_seq.num 
_entity_poly_seq.mon_id 
_entity_poly_seq.hetero 
1 1  ACE n 
1 2  GLY n 
1 3  LYS n 
1 4  LEU n 
1 5  GLU n 
1 6  ALA n 
1 7  ILE n 
1 8  ALA n 
1 9  GLN n 
1 10 LYS n 
1 11 LEU n 
1 12 GLU n 
1 13 ALA n 
1 14 ILE n 
1 15 ALA n 
1 16 LYS n 
1 17 LYS n 
1 18 LEU n 
1 19 GLU n 
1 20 ALA n 
1 21 ILE n 
1 22 ALA n 
1 23 TRP n 
1 24 LYS n 
1 25 LEU n 
1 26 GLU n 
1 27 ALA n 
1 28 ILE n 
1 29 ALA n 
1 30 GLN n 
1 31 GLY n 
1 32 ALA n 
1 33 GLY n 
1 34 NH2 n 
# 
_pdbx_entity_src_syn.entity_id              1 
_pdbx_entity_src_syn.pdbx_src_id            1 
_pdbx_entity_src_syn.pdbx_alt_source_flag   sample 
_pdbx_entity_src_syn.pdbx_beg_seq_num       1 
_pdbx_entity_src_syn.pdbx_end_seq_num       34 
_pdbx_entity_src_syn.organism_scientific    'synthetic construct' 
_pdbx_entity_src_syn.organism_common_name   ? 
_pdbx_entity_src_syn.ncbi_taxonomy_id       32630 
_pdbx_entity_src_syn.details                ? 
# 
loop_
_chem_comp.id 
_chem_comp.type 
_chem_comp.mon_nstd_flag 
_chem_comp.name 
_chem_comp.pdbx_synonyms 
_chem_comp.formula 
_chem_comp.formula_weight 
ACE non-polymer         . 'ACETYL GROUP'       ? 'C2 H4 O'        44.053  
ALA 'L-peptide linking' y ALANINE              ? 'C3 H7 N O2'     89.093  
GLN 'L-peptide linking' y GLUTAMINE            ? 'C5 H10 N2 O3'   146.144 
GLU 'L-peptide linking' y 'GLUTAMIC ACID'      ? 'C5 H9 N O4'     147.129 
GLY 'peptide linking'   y GLYCINE              ? 'C2 H5 N O2'     75.067  
HOH non-polymer         . WATER                ? 'H2 O'           18.015  
ILE 'L-peptide linking' y ISOLEUCINE           ? 'C6 H13 N O2'    131.173 
LEU 'L-peptide linking' y LEUCINE              ? 'C6 H13 N O2'    131.173 
LYS 'L-peptide linking' y LYSINE               ? 'C6 H15 N2 O2 1' 147.195 
NH2 non-polymer         . 'AMINO GROUP'        ? 'H2 N'           16.023  
TLA non-polymer         . 'L(+)-TARTARIC ACID' ? 'C4 H6 O6'       150.087 
TRP 'L-peptide linking' y TRYPTOPHAN           ? 'C11 H12 N2 O2'  204.225 
# 
loop_
_pdbx_poly_seq_scheme.asym_id 
_pdbx_poly_seq_scheme.entity_id 
_pdbx_poly_seq_scheme.seq_id 
_pdbx_poly_seq_scheme.mon_id 
_pdbx_poly_seq_scheme.ndb_seq_num 
_pdbx_poly_seq_scheme.pdb_seq_num 
_pdbx_poly_seq_scheme.auth_seq_num 
_pdbx_poly_seq_scheme.pdb_mon_id 
_pdbx_poly_seq_scheme.auth_mon_id 
_pdbx_poly_seq_scheme.pdb_strand_id 
_pdbx_poly_seq_scheme.pdb_ins_code 
_pdbx_poly_seq_scheme.hetero 
A 1 1  ACE 1  0  0  ACE ACE A . n 
A 1 2  GLY 2  1  1  GLY GLY A . n 
A 1 3  LYS 3  2  2  LYS LYS A . n 
A 1 4  LEU 4  3  3  LEU LEU A . n 
A 1 5  GLU 5  4  4  GLU GLU A . n 
A 1 6  ALA 6  5  5  ALA ALA A . n 
A 1 7  ILE 7  6  6  ILE ILE A . n 
A 1 8  ALA 8  7  7  ALA ALA A . n 
A 1 9  GLN 9  8  8  GLN GLN A . n 
A 1 10 LYS 10 9  9  LYS LYS A . n 
A 1 11 LEU 11 10 10 LEU LEU A . n 
A 1 12 GLU 12 11 11 GLU GLU A . n 
A 1 13 ALA 13 12 12 ALA ALA A . n 
A 1 14 ILE 14 13 13 ILE ILE A . n 
A 1 15 ALA 15 14 14 ALA ALA A . n 
A 1 16 LYS 16 15 15 LYS LYS A . n 
A 1 17 LYS 17 16 16 LYS LYS A . n 
A 1 18 LEU 18 17 17 LEU LEU A . n 
A 1 19 GLU 19 18 18 GLU GLU A . n 
A 1 20 ALA 20 19 19 ALA ALA A . n 
A 1 21 ILE 21 20 20 ILE ILE A . n 
A 1 22 ALA 22 21 21 ALA ALA A . n 
A 1 23 TRP 23 22 22 TRP TRP A . n 
A 1 24 LYS 24 23 23 LYS LYS A . n 
A 1 25 LEU 25 24 24 LEU LEU A . n 
A 1 26 GLU 26 25 25 GLU GLU A . n 
A 1 27 ALA 27 26 26 ALA ALA A . n 
A 1 28 ILE 28 27 27 ILE ILE A . n 
A 1 29 ALA 29 28 28 ALA ALA A . n 
A 1 30 GLN 30 29 29 GLN GLN A . n 
A 1 31 GLY 31 30 30 GLY GLY A . n 
A 1 32 ALA 32 31 31 ALA ALA A . n 
A 1 33 GLY 33 32 32 GLY GLY A . n 
A 1 34 NH2 34 33 33 NH2 NH2 A . n 
# 
loop_
_pdbx_nonpoly_scheme.asym_id 
_pdbx_nonpoly_scheme.entity_id 
_pdbx_nonpoly_scheme.mon_id 
_pdbx_nonpoly_scheme.ndb_seq_num 
_pdbx_nonpoly_scheme.pdb_seq_num 
_pdbx_nonpoly_scheme.auth_seq_num 
_pdbx_nonpoly_scheme.pdb_mon_id 
_pdbx_nonpoly_scheme.auth_mon_id 
_pdbx_nonpoly_scheme.pdb_strand_id 
_pdbx_nonpoly_scheme.pdb_ins_code 
B 2 TLA 1  101 1  TLA TLA A . 
C 3 HOH 1  201 19 HOH HOH A . 
C 3 HOH 2  202 16 HOH HOH A . 
C 3 HOH 3  203 17 HOH HOH A . 
C 3 HOH 4  204 29 HOH HOH A . 
C 3 HOH 5  205 30 HOH HOH A . 
C 3 HOH 6  206 23 HOH HOH A . 
C 3 HOH 7  207 18 HOH HOH A . 
C 3 HOH 8  208 20 HOH HOH A . 
C 3 HOH 9  209 9  HOH HOH A . 
C 3 HOH 10 210 6  HOH HOH A . 
C 3 HOH 11 211 5  HOH HOH A . 
C 3 HOH 12 212 21 HOH HOH A . 
C 3 HOH 13 213 4  HOH HOH A . 
C 3 HOH 14 214 1  HOH HOH A . 
C 3 HOH 15 215 33 HOH HOH A . 
C 3 HOH 16 216 3  HOH HOH A . 
C 3 HOH 17 217 14 HOH HOH A . 
C 3 HOH 18 218 15 HOH HOH A . 
C 3 HOH 19 219 26 HOH HOH A . 
C 3 HOH 20 220 8  HOH HOH A . 
C 3 HOH 21 221 11 HOH HOH A . 
C 3 HOH 22 222 2  HOH HOH A . 
C 3 HOH 23 223 10 HOH HOH A . 
C 3 HOH 24 224 7  HOH HOH A . 
C 3 HOH 25 225 27 HOH HOH A . 
C 3 HOH 26 226 22 HOH HOH A . 
C 3 HOH 27 227 34 HOH HOH A . 
C 3 HOH 28 228 13 HOH HOH A . 
C 3 HOH 29 229 12 HOH HOH A . 
C 3 HOH 30 230 25 HOH HOH A . 
C 3 HOH 31 231 32 HOH HOH A . 
C 3 HOH 32 232 24 HOH HOH A . 
C 3 HOH 33 233 31 HOH HOH A . 
C 3 HOH 34 234 28 HOH HOH A . 
# 
loop_
_software.citation_id 
_software.classification 
_software.compiler_name 
_software.compiler_version 
_software.contact_author 
_software.contact_author_email 
_software.date 
_software.description 
_software.dependencies 
_software.hardware 
_software.language 
_software.location 
_software.mods 
_software.name 
_software.os 
_software.os_version 
_software.type 
_software.version 
_software.pdbx_ordinal 
? refinement       ? ? ? ? ? ? ? ? ? ? ? REFMAC ? ? ? 5.8.0238 1 
? 'data reduction' ? ? ? ? ? ? ? ? ? ? ? MOSFLM ? ? ? .        2 
? 'data scaling'   ? ? ? ? ? ? ? ? ? ? ? SCALA  ? ? ? .        3 
? phasing          ? ? ? ? ? ? ? ? ? ? ? ACORN  ? ? ? .        4 
# 
_cell.angle_alpha                  90.00 
_cell.angle_alpha_esd              ? 
_cell.angle_beta                   90.00 
_cell.angle_beta_esd               ? 
_cell.angle_gamma                  90.00 
_cell.angle_gamma_esd              ? 
_cell.entry_id                     6Q5Q 
_cell.details                      ? 
_cell.formula_units_Z              ? 
_cell.length_a                     28.570 
_cell.length_a_esd                 ? 
_cell.length_b                     29.350 
_cell.length_b_esd                 ? 
_cell.length_c                     55.722 
_cell.length_c_esd                 ? 
_cell.volume                       ? 
_cell.volume_esd                   ? 
_cell.Z_PDB                        8 
_cell.reciprocal_angle_alpha       ? 
_cell.reciprocal_angle_beta        ? 
_cell.reciprocal_angle_gamma       ? 
_cell.reciprocal_angle_alpha_esd   ? 
_cell.reciprocal_angle_beta_esd    ? 
_cell.reciprocal_angle_gamma_esd   ? 
_cell.reciprocal_length_a          ? 
_cell.reciprocal_length_b          ? 
_cell.reciprocal_length_c          ? 
_cell.reciprocal_length_a_esd      ? 
_cell.reciprocal_length_b_esd      ? 
_cell.reciprocal_length_c_esd      ? 
_cell.pdbx_unique_axis             ? 
# 
_symmetry.entry_id                         6Q5Q 
_symmetry.cell_setting                     ? 
_symmetry.Int_Tables_number                23 
_symmetry.space_group_name_Hall            ? 
_symmetry.space_group_name_H-M             'I 2 2 2' 
_symmetry.pdbx_full_space_group_name_H-M   ? 
# 
_exptl.absorpt_coefficient_mu     ? 
_exptl.absorpt_correction_T_max   ? 
_exptl.absorpt_correction_T_min   ? 
_exptl.absorpt_correction_type    ? 
_exptl.absorpt_process_details    ? 
_exptl.entry_id                   6Q5Q 
_exptl.crystals_number            1 
_exptl.details                    ? 
_exptl.method                     'X-RAY DIFFRACTION' 
_exptl.method_details             ? 
# 
_exptl_crystal.colour                      ? 
_exptl_crystal.density_diffrn              ? 
_exptl_crystal.density_Matthews            1.74 
_exptl_crystal.density_method              ? 
_exptl_crystal.density_percent_sol         29.18 
_exptl_crystal.description                 ? 
_exptl_crystal.F_000                       ? 
_exptl_crystal.id                          1 
_exptl_crystal.preparation                 ? 
_exptl_crystal.size_max                    ? 
_exptl_crystal.size_mid                    ? 
_exptl_crystal.size_min                    ? 
_exptl_crystal.size_rad                    ? 
_exptl_crystal.colour_lustre               ? 
_exptl_crystal.colour_modifier             ? 
_exptl_crystal.colour_primary              ? 
_exptl_crystal.density_meas                ? 
_exptl_crystal.density_meas_esd            ? 
_exptl_crystal.density_meas_gt             ? 
_exptl_crystal.density_meas_lt             ? 
_exptl_crystal.density_meas_temp           ? 
_exptl_crystal.density_meas_temp_esd       ? 
_exptl_crystal.density_meas_temp_gt        ? 
_exptl_crystal.density_meas_temp_lt        ? 
_exptl_crystal.pdbx_crystal_image_url      ? 
_exptl_crystal.pdbx_crystal_image_format   ? 
_exptl_crystal.pdbx_mosaicity              ? 
_exptl_crystal.pdbx_mosaicity_esd          ? 
# 
_exptl_crystal_grow.apparatus       ? 
_exptl_crystal_grow.atmosphere      ? 
_exptl_crystal_grow.crystal_id      1 
_exptl_crystal_grow.details         ? 
_exptl_crystal_grow.method          'VAPOR DIFFUSION, SITTING DROP' 
_exptl_crystal_grow.method_ref      ? 
_exptl_crystal_grow.pH              ? 
_exptl_crystal_grow.pressure        ? 
_exptl_crystal_grow.pressure_esd    ? 
_exptl_crystal_grow.seeding         ? 
_exptl_crystal_grow.seeding_ref     ? 
_exptl_crystal_grow.temp            298 
_exptl_crystal_grow.temp_details    ? 
_exptl_crystal_grow.temp_esd        ? 
_exptl_crystal_grow.time            ? 
_exptl_crystal_grow.pdbx_details    '0.2M potassium/sodium tartrate tetrahydrate 20% w/v PEG 3350.' 
_exptl_crystal_grow.pdbx_pH_range   ? 
# 
_diffrn.ambient_environment              ? 
_diffrn.ambient_temp                     80 
_diffrn.ambient_temp_details             ? 
_diffrn.ambient_temp_esd                 ? 
_diffrn.crystal_id                       1 
_diffrn.crystal_support                  ? 
_diffrn.crystal_treatment                ? 
_diffrn.details                          ? 
_diffrn.id                               1 
_diffrn.ambient_pressure                 ? 
_diffrn.ambient_pressure_esd             ? 
_diffrn.ambient_pressure_gt              ? 
_diffrn.ambient_pressure_lt              ? 
_diffrn.ambient_temp_gt                  ? 
_diffrn.ambient_temp_lt                  ? 
_diffrn.pdbx_serial_crystal_experiment   N 
# 
_diffrn_detector.details                      ? 
_diffrn_detector.detector                     CCD 
_diffrn_detector.diffrn_id                    1 
_diffrn_detector.type                         'ADSC QUANTUM 315' 
_diffrn_detector.area_resol_mean              ? 
_diffrn_detector.dtime                        ? 
_diffrn_detector.pdbx_frames_total            ? 
_diffrn_detector.pdbx_collection_time_total   ? 
_diffrn_detector.pdbx_collection_date         2010-05-17 
_diffrn_detector.pdbx_frequency               ? 
# 
_diffrn_radiation.collimation                      ? 
_diffrn_radiation.diffrn_id                        1 
_diffrn_radiation.filter_edge                      ? 
_diffrn_radiation.inhomogeneity                    ? 
_diffrn_radiation.monochromator                    ? 
_diffrn_radiation.polarisn_norm                    ? 
_diffrn_radiation.polarisn_ratio                   ? 
_diffrn_radiation.probe                            ? 
_diffrn_radiation.type                             ? 
_diffrn_radiation.xray_symbol                      ? 
_diffrn_radiation.wavelength_id                    1 
_diffrn_radiation.pdbx_monochromatic_or_laue_m_l   M 
_diffrn_radiation.pdbx_wavelength_list             ? 
_diffrn_radiation.pdbx_wavelength                  ? 
_diffrn_radiation.pdbx_diffrn_protocol             'SINGLE WAVELENGTH' 
_diffrn_radiation.pdbx_analyzer                    ? 
_diffrn_radiation.pdbx_scattering_type             x-ray 
# 
_diffrn_radiation_wavelength.id           1 
_diffrn_radiation_wavelength.wavelength   0.9795 
_diffrn_radiation_wavelength.wt           1.0 
# 
_diffrn_source.current                     ? 
_diffrn_source.details                     ? 
_diffrn_source.diffrn_id                   1 
_diffrn_source.power                       ? 
_diffrn_source.size                        ? 
_diffrn_source.source                      SYNCHROTRON 
_diffrn_source.target                      ? 
_diffrn_source.type                        'DIAMOND BEAMLINE I02' 
_diffrn_source.voltage                     ? 
_diffrn_source.take-off_angle              ? 
_diffrn_source.pdbx_wavelength_list        0.9795 
_diffrn_source.pdbx_wavelength             ? 
_diffrn_source.pdbx_synchrotron_beamline   I02 
_diffrn_source.pdbx_synchrotron_site       Diamond 
# 
_reflns.B_iso_Wilson_estimate            ? 
_reflns.entry_id                         6Q5Q 
_reflns.data_reduction_details           ? 
_reflns.data_reduction_method            ? 
_reflns.d_resolution_high                1.08 
_reflns.d_resolution_low                 20.47 
_reflns.details                          ? 
_reflns.limit_h_max                      ? 
_reflns.limit_h_min                      ? 
_reflns.limit_k_max                      ? 
_reflns.limit_k_min                      ? 
_reflns.limit_l_max                      ? 
_reflns.limit_l_min                      ? 
_reflns.number_all                       ? 
_reflns.number_obs                       10348 
_reflns.observed_criterion               ? 
_reflns.observed_criterion_F_max         ? 
_reflns.observed_criterion_F_min         ? 
_reflns.observed_criterion_I_max         ? 
_reflns.observed_criterion_I_min         ? 
_reflns.observed_criterion_sigma_F       ? 
_reflns.observed_criterion_sigma_I       ? 
_reflns.percent_possible_obs             99.7 
_reflns.R_free_details                   ? 
_reflns.Rmerge_F_all                     ? 
_reflns.Rmerge_F_obs                     ? 
_reflns.Friedel_coverage                 ? 
_reflns.number_gt                        ? 
_reflns.threshold_expression             ? 
_reflns.pdbx_redundancy                  12.8 
_reflns.pdbx_Rmerge_I_obs                0.074 
_reflns.pdbx_Rmerge_I_all                ? 
_reflns.pdbx_Rsym_value                  ? 
_reflns.pdbx_netI_over_av_sigmaI         ? 
_reflns.pdbx_netI_over_sigmaI            17.5 
_reflns.pdbx_res_netI_over_av_sigmaI_2   ? 
_reflns.pdbx_res_netI_over_sigmaI_2      ? 
_reflns.pdbx_chi_squared                 ? 
_reflns.pdbx_scaling_rejects             ? 
_reflns.pdbx_d_res_high_opt              ? 
_reflns.pdbx_d_res_low_opt               ? 
_reflns.pdbx_d_res_opt_method            ? 
_reflns.phase_calculation_details        ? 
_reflns.pdbx_Rrim_I_all                  0.077 
_reflns.pdbx_Rpim_I_all                  0.021 
_reflns.pdbx_d_opt                       ? 
_reflns.pdbx_number_measured_all         ? 
_reflns.pdbx_diffrn_id                   1 
_reflns.pdbx_ordinal                     1 
_reflns.pdbx_CC_half                     0.999 
_reflns.pdbx_R_split                     ? 
# 
_reflns_shell.d_res_high                  1.08 
_reflns_shell.d_res_low                   1.14 
_reflns_shell.meanI_over_sigI_all         ? 
_reflns_shell.meanI_over_sigI_obs         56.2 
_reflns_shell.number_measured_all         ? 
_reflns_shell.number_measured_obs         ? 
_reflns_shell.number_possible             ? 
_reflns_shell.number_unique_all           ? 
_reflns_shell.number_unique_obs           1461 
_reflns_shell.percent_possible_all        94.7 
_reflns_shell.percent_possible_obs        ? 
_reflns_shell.Rmerge_F_all                ? 
_reflns_shell.Rmerge_F_obs                ? 
_reflns_shell.Rmerge_I_all                ? 
_reflns_shell.Rmerge_I_obs                0.706 
_reflns_shell.meanI_over_sigI_gt          ? 
_reflns_shell.meanI_over_uI_all           ? 
_reflns_shell.meanI_over_uI_gt            ? 
_reflns_shell.number_measured_gt          ? 
_reflns_shell.number_unique_gt            ? 
_reflns_shell.percent_possible_gt         ? 
_reflns_shell.Rmerge_F_gt                 ? 
_reflns_shell.Rmerge_I_gt                 ? 
_reflns_shell.pdbx_redundancy             12.2 
_reflns_shell.pdbx_Rsym_value             ? 
_reflns_shell.pdbx_chi_squared            ? 
_reflns_shell.pdbx_netI_over_sigmaI_all   ? 
_reflns_shell.pdbx_netI_over_sigmaI_obs   ? 
_reflns_shell.pdbx_Rrim_I_all             0.737 
_reflns_shell.pdbx_Rpim_I_all             ? 
_reflns_shell.pdbx_rejects                ? 
_reflns_shell.pdbx_ordinal                1 
_reflns_shell.pdbx_diffrn_id              1 
_reflns_shell.pdbx_CC_half                0.943 
_reflns_shell.pdbx_R_split                ? 
# 
_refine.aniso_B[1][1]                            1.31 
_refine.aniso_B[1][2]                            0.00 
_refine.aniso_B[1][3]                            0.00 
_refine.aniso_B[2][2]                            -0.56 
_refine.aniso_B[2][3]                            0.00 
_refine.aniso_B[3][3]                            -0.75 
_refine.B_iso_max                                ? 
_refine.B_iso_mean                               14.091 
_refine.B_iso_min                                ? 
_refine.correlation_coeff_Fo_to_Fc               0.980 
_refine.correlation_coeff_Fo_to_Fc_free          0.979 
_refine.details                                  'HYDROGENS HAVE BEEN ADDED IN THE RIDING POSITIONS' 
_refine.diff_density_max                         ? 
_refine.diff_density_max_esd                     ? 
_refine.diff_density_min                         ? 
_refine.diff_density_min_esd                     ? 
_refine.diff_density_rms                         ? 
_refine.diff_density_rms_esd                     ? 
_refine.entry_id                                 6Q5Q 
_refine.pdbx_refine_id                           'X-RAY DIFFRACTION' 
_refine.ls_abs_structure_details                 ? 
_refine.ls_abs_structure_Flack                   ? 
_refine.ls_abs_structure_Flack_esd               ? 
_refine.ls_abs_structure_Rogers                  ? 
_refine.ls_abs_structure_Rogers_esd              ? 
_refine.ls_d_res_high                            1.08 
_refine.ls_d_res_low                             16.50 
_refine.ls_extinction_coef                       ? 
_refine.ls_extinction_coef_esd                   ? 
_refine.ls_extinction_expression                 ? 
_refine.ls_extinction_method                     ? 
_refine.ls_goodness_of_fit_all                   ? 
_refine.ls_goodness_of_fit_all_esd               ? 
_refine.ls_goodness_of_fit_obs                   ? 
_refine.ls_goodness_of_fit_obs_esd               ? 
_refine.ls_hydrogen_treatment                    ? 
_refine.ls_matrix_type                           ? 
_refine.ls_number_constraints                    ? 
_refine.ls_number_parameters                     ? 
_refine.ls_number_reflns_all                     ? 
_refine.ls_number_reflns_obs                     9818 
_refine.ls_number_reflns_R_free                  497 
_refine.ls_number_reflns_R_work                  ? 
_refine.ls_number_restraints                     ? 
_refine.ls_percent_reflns_obs                    99.73 
_refine.ls_percent_reflns_R_free                 4.8 
_refine.ls_R_factor_all                          ? 
_refine.ls_R_factor_obs                          0.13531 
_refine.ls_R_factor_R_free                       0.14659 
_refine.ls_R_factor_R_free_error                 ? 
_refine.ls_R_factor_R_free_error_details         ? 
_refine.ls_R_factor_R_work                       0.13472 
_refine.ls_R_Fsqd_factor_obs                     ? 
_refine.ls_R_I_factor_obs                        ? 
_refine.ls_redundancy_reflns_all                 ? 
_refine.ls_redundancy_reflns_obs                 ? 
_refine.ls_restrained_S_all                      ? 
_refine.ls_restrained_S_obs                      ? 
_refine.ls_shift_over_esd_max                    ? 
_refine.ls_shift_over_esd_mean                   ? 
_refine.ls_structure_factor_coef                 ? 
_refine.ls_weighting_details                     ? 
_refine.ls_weighting_scheme                      ? 
_refine.ls_wR_factor_all                         ? 
_refine.ls_wR_factor_obs                         ? 
_refine.ls_wR_factor_R_free                      ? 
_refine.ls_wR_factor_R_work                      ? 
_refine.occupancy_max                            ? 
_refine.occupancy_min                            ? 
_refine.solvent_model_details                    ? 
_refine.solvent_model_param_bsol                 ? 
_refine.solvent_model_param_ksol                 ? 
_refine.ls_R_factor_gt                           ? 
_refine.ls_goodness_of_fit_gt                    ? 
_refine.ls_goodness_of_fit_ref                   ? 
_refine.ls_shift_over_su_max                     ? 
_refine.ls_shift_over_su_max_lt                  ? 
_refine.ls_shift_over_su_mean                    ? 
_refine.ls_shift_over_su_mean_lt                 ? 
_refine.pdbx_ls_sigma_I                          ? 
_refine.pdbx_ls_sigma_F                          ? 
_refine.pdbx_ls_sigma_Fsqd                       ? 
_refine.pdbx_data_cutoff_high_absF               ? 
_refine.pdbx_data_cutoff_high_rms_absF           ? 
_refine.pdbx_data_cutoff_low_absF                ? 
_refine.pdbx_isotropic_thermal_model             ? 
_refine.pdbx_ls_cross_valid_method               THROUGHOUT 
_refine.pdbx_method_to_determine_struct          'AB INITIO PHASING' 
_refine.pdbx_starting_model                      ? 
_refine.pdbx_stereochemistry_target_values       ? 
_refine.pdbx_R_Free_selection_details            RANDOM 
_refine.pdbx_stereochem_target_val_spec_case     ? 
_refine.pdbx_overall_ESU_R                       0.030 
_refine.pdbx_overall_ESU_R_Free                  0.028 
_refine.pdbx_solvent_vdw_probe_radii             1.20 
_refine.pdbx_solvent_ion_probe_radii             0.80 
_refine.pdbx_solvent_shrinkage_radii             0.80 
_refine.pdbx_real_space_R                        ? 
_refine.pdbx_density_correlation                 ? 
_refine.pdbx_pd_number_of_powder_patterns        ? 
_refine.pdbx_pd_number_of_points                 ? 
_refine.pdbx_pd_meas_number_of_points            ? 
_refine.pdbx_pd_proc_ls_prof_R_factor            ? 
_refine.pdbx_pd_proc_ls_prof_wR_factor           ? 
_refine.pdbx_pd_Marquardt_correlation_coeff      ? 
_refine.pdbx_pd_Fsqrd_R_factor                   ? 
_refine.pdbx_pd_ls_matrix_band_width             ? 
_refine.pdbx_overall_phase_error                 ? 
_refine.pdbx_overall_SU_R_free_Cruickshank_DPI   ? 
_refine.pdbx_overall_SU_R_free_Blow_DPI          ? 
_refine.pdbx_overall_SU_R_Blow_DPI               ? 
_refine.pdbx_TLS_residual_ADP_flag               ? 
_refine.pdbx_diffrn_id                           1 
_refine.overall_SU_B                             1.100 
_refine.overall_SU_ML                            0.023 
_refine.overall_SU_R_Cruickshank_DPI             ? 
_refine.overall_SU_R_free                        ? 
_refine.overall_FOM_free_R_set                   ? 
_refine.overall_FOM_work_R_set                   ? 
_refine.pdbx_average_fsc_overall                 ? 
_refine.pdbx_average_fsc_work                    ? 
_refine.pdbx_average_fsc_free                    ? 
# 
_refine_hist.pdbx_refine_id                   'X-RAY DIFFRACTION' 
_refine_hist.cycle_id                         1 
_refine_hist.pdbx_number_atoms_protein        238 
_refine_hist.pdbx_number_atoms_nucleic_acid   0 
_refine_hist.pdbx_number_atoms_ligand         10 
_refine_hist.number_atoms_solvent             34 
_refine_hist.number_atoms_total               282 
_refine_hist.d_res_high                       1.08 
_refine_hist.d_res_low                        16.50 
# 
loop_
_refine_ls_restr.pdbx_refine_id 
_refine_ls_restr.criterion 
_refine_ls_restr.dev_ideal 
_refine_ls_restr.dev_ideal_target 
_refine_ls_restr.number 
_refine_ls_restr.rejects 
_refine_ls_restr.type 
_refine_ls_restr.weight 
_refine_ls_restr.pdbx_restraint_function 
'X-RAY DIFFRACTION' ? 0.021  0.013  255 ? r_bond_refined_d             ? ? 
'X-RAY DIFFRACTION' ? 0.001  0.017  263 ? r_bond_other_d               ? ? 
'X-RAY DIFFRACTION' ? 2.222  1.682  342 ? r_angle_refined_deg          ? ? 
'X-RAY DIFFRACTION' ? 1.780  1.596  613 ? r_angle_other_deg            ? ? 
'X-RAY DIFFRACTION' ? 4.025  5.000  33  ? r_dihedral_angle_1_deg       ? ? 
'X-RAY DIFFRACTION' ? 46.401 26.111 9   ? r_dihedral_angle_2_deg       ? ? 
'X-RAY DIFFRACTION' ? 9.671  15.000 51  ? r_dihedral_angle_3_deg       ? ? 
'X-RAY DIFFRACTION' ? ?      ?      ?   ? r_dihedral_angle_4_deg       ? ? 
'X-RAY DIFFRACTION' ? 0.160  0.200  36  ? r_chiral_restr               ? ? 
'X-RAY DIFFRACTION' ? 0.013  0.020  285 ? r_gen_planes_refined         ? ? 
'X-RAY DIFFRACTION' ? 0.001  0.020  39  ? r_gen_planes_other           ? ? 
'X-RAY DIFFRACTION' ? ?      ?      ?   ? r_nbd_refined                ? ? 
'X-RAY DIFFRACTION' ? ?      ?      ?   ? r_nbd_other                  ? ? 
'X-RAY DIFFRACTION' ? ?      ?      ?   ? r_nbtor_refined              ? ? 
'X-RAY DIFFRACTION' ? ?      ?      ?   ? r_nbtor_other                ? ? 
'X-RAY DIFFRACTION' ? ?      ?      ?   ? r_xyhbond_nbd_refined        ? ? 
'X-RAY DIFFRACTION' ? ?      ?      ?   ? r_xyhbond_nbd_other          ? ? 
'X-RAY DIFFRACTION' ? ?      ?      ?   ? r_metal_ion_refined          ? ? 
'X-RAY DIFFRACTION' ? ?      ?      ?   ? r_metal_ion_other            ? ? 
'X-RAY DIFFRACTION' ? ?      ?      ?   ? r_symmetry_vdw_refined       ? ? 
'X-RAY DIFFRACTION' ? ?      ?      ?   ? r_symmetry_vdw_other         ? ? 
'X-RAY DIFFRACTION' ? ?      ?      ?   ? r_symmetry_hbond_refined     ? ? 
'X-RAY DIFFRACTION' ? ?      ?      ?   ? r_symmetry_hbond_other       ? ? 
'X-RAY DIFFRACTION' ? ?      ?      ?   ? r_symmetry_metal_ion_refined ? ? 
'X-RAY DIFFRACTION' ? ?      ?      ?   ? r_symmetry_metal_ion_other   ? ? 
'X-RAY DIFFRACTION' ? 0.739  1.061  131 ? r_mcbond_it                  ? ? 
'X-RAY DIFFRACTION' ? 0.678  1.044  129 ? r_mcbond_other               ? ? 
'X-RAY DIFFRACTION' ? 0.987  1.579  162 ? r_mcangle_it                 ? ? 
'X-RAY DIFFRACTION' ? 0.951  1.578  162 ? r_mcangle_other              ? ? 
'X-RAY DIFFRACTION' ? 2.895  1.636  124 ? r_scbond_it                  ? ? 
'X-RAY DIFFRACTION' ? 2.863  1.612  121 ? r_scbond_other               ? ? 
'X-RAY DIFFRACTION' ? ?      ?      ?   ? r_scangle_it                 ? ? 
'X-RAY DIFFRACTION' ? 3.583  2.210  178 ? r_scangle_other              ? ? 
'X-RAY DIFFRACTION' ? 3.418  15.391 299 ? r_long_range_B_refined       ? ? 
'X-RAY DIFFRACTION' ? 2.880  14.429 288 ? r_long_range_B_other         ? ? 
'X-RAY DIFFRACTION' ? 4.184  3.000  518 ? r_rigid_bond_restr           ? ? 
'X-RAY DIFFRACTION' ? ?      ?      ?   ? r_sphericity_free            ? ? 
'X-RAY DIFFRACTION' ? ?      ?      ?   ? r_sphericity_bonded          ? ? 
# 
_refine_ls_shell.pdbx_refine_id                   'X-RAY DIFFRACTION' 
_refine_ls_shell.d_res_high                       1.082 
_refine_ls_shell.d_res_low                        1.110 
_refine_ls_shell.number_reflns_all                ? 
_refine_ls_shell.number_reflns_obs                997 
_refine_ls_shell.number_reflns_R_free             40 
_refine_ls_shell.number_reflns_R_work             710 
_refine_ls_shell.percent_reflns_obs               99.86 
_refine_ls_shell.percent_reflns_R_free            ? 
_refine_ls_shell.R_factor_all                     ? 
_refine_ls_shell.R_factor_obs                     ? 
_refine_ls_shell.R_factor_R_free                  0.214 
_refine_ls_shell.R_factor_R_free_error            ? 
_refine_ls_shell.R_factor_R_work                  0.311 
_refine_ls_shell.redundancy_reflns_all            ? 
_refine_ls_shell.redundancy_reflns_obs            ? 
_refine_ls_shell.wR_factor_all                    ? 
_refine_ls_shell.wR_factor_obs                    ? 
_refine_ls_shell.wR_factor_R_free                 ? 
_refine_ls_shell.wR_factor_R_work                 ? 
_refine_ls_shell.pdbx_total_number_of_bins_used   20 
_refine_ls_shell.pdbx_phase_error                 ? 
_refine_ls_shell.pdbx_fsc_work                    ? 
_refine_ls_shell.pdbx_fsc_free                    ? 
# 
_struct.entry_id                     6Q5Q 
_struct.title                        
'Crystal structure of a CC-Hex mutant that forms an antiparallel four-helix coiled coil CC-Hex-KgEb' 
_struct.pdbx_model_details           ? 
_struct.pdbx_formula_weight          ? 
_struct.pdbx_formula_weight_method   ? 
_struct.pdbx_model_type_details      ? 
_struct.pdbx_CASP_flag               N 
# 
_struct_keywords.entry_id        6Q5Q 
_struct_keywords.text            'coiled coil, tetramer, synthetic, antiparallel, de novo protein' 
_struct_keywords.pdbx_keywords   'DE NOVO PROTEIN' 
# 
loop_
_struct_asym.id 
_struct_asym.pdbx_blank_PDB_chainid_flag 
_struct_asym.pdbx_modified 
_struct_asym.entity_id 
_struct_asym.details 
A N N 1 ? 
B N N 2 ? 
C N N 3 ? 
# 
_struct_ref.id                         1 
_struct_ref.db_name                    PDB 
_struct_ref.db_code                    6Q5Q 
_struct_ref.pdbx_db_accession          6Q5Q 
_struct_ref.pdbx_db_isoform            ? 
_struct_ref.entity_id                  1 
_struct_ref.pdbx_seq_one_letter_code   ? 
_struct_ref.pdbx_align_begin           1 
# 
_struct_ref_seq.align_id                      1 
_struct_ref_seq.ref_id                        1 
_struct_ref_seq.pdbx_PDB_id_code              6Q5Q 
_struct_ref_seq.pdbx_strand_id                A 
_struct_ref_seq.seq_align_beg                 1 
_struct_ref_seq.pdbx_seq_align_beg_ins_code   ? 
_struct_ref_seq.seq_align_end                 34 
_struct_ref_seq.pdbx_seq_align_end_ins_code   ? 
_struct_ref_seq.pdbx_db_accession             6Q5Q 
_struct_ref_seq.db_align_beg                  0 
_struct_ref_seq.pdbx_db_align_beg_ins_code    ? 
_struct_ref_seq.db_align_end                  33 
_struct_ref_seq.pdbx_db_align_end_ins_code    ? 
_struct_ref_seq.pdbx_auth_seq_align_beg       0 
_struct_ref_seq.pdbx_auth_seq_align_end       33 
# 
_pdbx_struct_assembly.id                   1 
_pdbx_struct_assembly.details              author_and_software_defined_assembly 
_pdbx_struct_assembly.method_details       PISA 
_pdbx_struct_assembly.oligomeric_details   tetrameric 
_pdbx_struct_assembly.oligomeric_count     4 
# 
loop_
_pdbx_struct_assembly_prop.biol_id 
_pdbx_struct_assembly_prop.type 
_pdbx_struct_assembly_prop.value 
_pdbx_struct_assembly_prop.details 
1 'ABSA (A^2)' 6500 ? 
1 MORE         -64  ? 
1 'SSA (A^2)'  8490 ? 
# 
_pdbx_struct_assembly_gen.assembly_id       1 
_pdbx_struct_assembly_gen.oper_expression   1,2,3,4 
_pdbx_struct_assembly_gen.asym_id_list      A,B,C 
# 
_pdbx_struct_assembly_auth_evidence.id                     1 
_pdbx_struct_assembly_auth_evidence.assembly_id            1 
_pdbx_struct_assembly_auth_evidence.experimental_support   none 
_pdbx_struct_assembly_auth_evidence.details                ? 
# 
loop_
_pdbx_struct_oper_list.id 
_pdbx_struct_oper_list.type 
_pdbx_struct_oper_list.name 
_pdbx_struct_oper_list.symmetry_operation 
_pdbx_struct_oper_list.matrix[1][1] 
_pdbx_struct_oper_list.matrix[1][2] 
_pdbx_struct_oper_list.matrix[1][3] 
_pdbx_struct_oper_list.vector[1] 
_pdbx_struct_oper_list.matrix[2][1] 
_pdbx_struct_oper_list.matrix[2][2] 
_pdbx_struct_oper_list.matrix[2][3] 
_pdbx_struct_oper_list.vector[2] 
_pdbx_struct_oper_list.matrix[3][1] 
_pdbx_struct_oper_list.matrix[3][2] 
_pdbx_struct_oper_list.matrix[3][3] 
_pdbx_struct_oper_list.vector[3] 
1 'identity operation'         1_555 x,y,z       1.0000000000  0.0000000000  0.0000000000  0.0000000000  0.0000000000  1.0000000000  0.0000000000  0.0000000000  0.0000000000  0.0000000000  1.0000000000  0.0000000000  
2 'crystal symmetry operation' 2_665 -x+1,-y+1,z -0.8891438307 -0.2100320088 -0.4065830832 13.9879614508 -0.2100320088 -0.6020659470 0.7703266520  -0.8047701847 -0.4065830832 0.7703266520  0.4912097778  4.2295889620  
3 'crystal symmetry operation' 3_656 -x+1,y,-z+1 -0.1967827335 0.9430609847  -0.2681651262 10.9591062921 0.9430609847  0.1072521197  -0.3148538740 -9.4005792829 -0.2681651262 -0.3148538740 -0.9104693862 -0.2340951530 
4 'crystal symmetry operation' 4_566 x,-y+1,-z+1 0.0859265643  -0.7330289759 0.6747482094  6.3133413807  -0.7330289759 -0.5051861727 -0.4554727780 2.3729056387  0.6747482094  -0.4554727780 -0.5807403916 -7.5827048566 
# 
_struct_conf.conf_type_id            HELX_P 
_struct_conf.id                      HELX_P1 
_struct_conf.pdbx_PDB_helix_id       AA1 
_struct_conf.beg_label_comp_id       LYS 
_struct_conf.beg_label_asym_id       A 
_struct_conf.beg_label_seq_id        3 
_struct_conf.pdbx_beg_PDB_ins_code   ? 
_struct_conf.end_label_comp_id       GLY 
_struct_conf.end_label_asym_id       A 
_struct_conf.end_label_seq_id        31 
_struct_conf.pdbx_end_PDB_ins_code   ? 
_struct_conf.beg_auth_comp_id        LYS 
_struct_conf.beg_auth_asym_id        A 
_struct_conf.beg_auth_seq_id         2 
_struct_conf.end_auth_comp_id        GLY 
_struct_conf.end_auth_asym_id        A 
_struct_conf.end_auth_seq_id         30 
_struct_conf.pdbx_PDB_helix_class    1 
_struct_conf.details                 ? 
_struct_conf.pdbx_PDB_helix_length   29 
# 
_struct_conf_type.id          HELX_P 
_struct_conf_type.criteria    ? 
_struct_conf_type.reference   ? 
# 
loop_
_struct_conn.id 
_struct_conn.conn_type_id 
_struct_conn.pdbx_leaving_atom_flag 
_struct_conn.pdbx_PDB_id 
_struct_conn.ptnr1_label_asym_id 
_struct_conn.ptnr1_label_comp_id 
_struct_conn.ptnr1_label_seq_id 
_struct_conn.ptnr1_label_atom_id 
_struct_conn.pdbx_ptnr1_label_alt_id 
_struct_conn.pdbx_ptnr1_PDB_ins_code 
_struct_conn.pdbx_ptnr1_standard_comp_id 
_struct_conn.ptnr1_symmetry 
_struct_conn.ptnr2_label_asym_id 
_struct_conn.ptnr2_label_comp_id 
_struct_conn.ptnr2_label_seq_id 
_struct_conn.ptnr2_label_atom_id 
_struct_conn.pdbx_ptnr2_label_alt_id 
_struct_conn.pdbx_ptnr2_PDB_ins_code 
_struct_conn.ptnr1_auth_asym_id 
_struct_conn.ptnr1_auth_comp_id 
_struct_conn.ptnr1_auth_seq_id 
_struct_conn.ptnr2_auth_asym_id 
_struct_conn.ptnr2_auth_comp_id 
_struct_conn.ptnr2_auth_seq_id 
_struct_conn.ptnr2_symmetry 
_struct_conn.pdbx_ptnr3_label_atom_id 
_struct_conn.pdbx_ptnr3_label_seq_id 
_struct_conn.pdbx_ptnr3_label_comp_id 
_struct_conn.pdbx_ptnr3_label_asym_id 
_struct_conn.pdbx_ptnr3_label_alt_id 
_struct_conn.pdbx_ptnr3_PDB_ins_code 
_struct_conn.details 
_struct_conn.pdbx_dist_value 
_struct_conn.pdbx_value_order 
_struct_conn.pdbx_role 
covale1 covale both ? A ACE 1  C ? ? ? 1_555 A GLY 2  N ? ? A ACE 0  A GLY 1  1_555 ? ? ? ? ? ? ? 1.356 ? ? 
covale2 covale both ? A GLY 33 C ? ? ? 1_555 A NH2 34 N ? ? A GLY 32 A NH2 33 1_555 ? ? ? ? ? ? ? 1.310 ? ? 
# 
_struct_conn_type.id          covale 
_struct_conn_type.criteria    ? 
_struct_conn_type.reference   ? 
# 
loop_
_pdbx_modification_feature.ordinal 
_pdbx_modification_feature.label_comp_id 
_pdbx_modification_feature.label_asym_id 
_pdbx_modification_feature.label_seq_id 
_pdbx_modification_feature.label_alt_id 
_pdbx_modification_feature.modified_residue_label_comp_id 
_pdbx_modification_feature.modified_residue_label_asym_id 
_pdbx_modification_feature.modified_residue_label_seq_id 
_pdbx_modification_feature.modified_residue_label_alt_id 
_pdbx_modification_feature.auth_comp_id 
_pdbx_modification_feature.auth_asym_id 
_pdbx_modification_feature.auth_seq_id 
_pdbx_modification_feature.PDB_ins_code 
_pdbx_modification_feature.symmetry 
_pdbx_modification_feature.modified_residue_auth_comp_id 
_pdbx_modification_feature.modified_residue_auth_asym_id 
_pdbx_modification_feature.modified_residue_auth_seq_id 
_pdbx_modification_feature.modified_residue_PDB_ins_code 
_pdbx_modification_feature.modified_residue_symmetry 
_pdbx_modification_feature.comp_id_linking_atom 
_pdbx_modification_feature.modified_residue_id_linking_atom 
_pdbx_modification_feature.modified_residue_id 
_pdbx_modification_feature.ref_pcm_id 
_pdbx_modification_feature.ref_comp_id 
_pdbx_modification_feature.type 
_pdbx_modification_feature.category 
1 ACE A 1  ? GLY A 2  ? ACE A 0  ? 1_555 GLY A 1  ? 1_555 . . GLY 12 ACE None 'Terminal acetylation' 
2 NH2 A 34 ? GLY A 33 ? NH2 A 33 ? 1_555 GLY A 32 ? 1_555 . . GLY 12 NH2 None 'Terminal amidation'   
# 
_struct_site.id                   AC1 
_struct_site.pdbx_evidence_code   Software 
_struct_site.pdbx_auth_asym_id    A 
_struct_site.pdbx_auth_comp_id    TLA 
_struct_site.pdbx_auth_seq_id     101 
_struct_site.pdbx_auth_ins_code   ? 
_struct_site.pdbx_num_residues    14 
_struct_site.details              'binding site for residue TLA A 101' 
# 
loop_
_struct_site_gen.id 
_struct_site_gen.site_id 
_struct_site_gen.pdbx_num_res 
_struct_site_gen.label_comp_id 
_struct_site_gen.label_asym_id 
_struct_site_gen.label_seq_id 
_struct_site_gen.pdbx_auth_ins_code 
_struct_site_gen.auth_comp_id 
_struct_site_gen.auth_asym_id 
_struct_site_gen.auth_seq_id 
_struct_site_gen.label_atom_id 
_struct_site_gen.label_alt_id 
_struct_site_gen.symmetry 
_struct_site_gen.details 
1  AC1 14 LYS A 17 ? LYS A 16  . ? 1_555 ? 
2  AC1 14 LYS A 17 ? LYS A 16  . ? 4_556 ? 
3  AC1 14 GLN A 30 ? GLN A 29  . ? 7_546 ? 
4  AC1 14 GLN A 30 ? GLN A 29  . ? 6_554 ? 
5  AC1 14 ALA A 32 ? ALA A 31  . ? 6_554 ? 
6  AC1 14 ALA A 32 ? ALA A 31  . ? 7_546 ? 
7  AC1 14 GLY A 33 ? GLY A 32  . ? 6_554 ? 
8  AC1 14 GLY A 33 ? GLY A 32  . ? 5_544 ? 
9  AC1 14 GLY A 33 ? GLY A 32  . ? 8_556 ? 
10 AC1 14 GLY A 33 ? GLY A 32  . ? 7_546 ? 
11 AC1 14 HOH C .  ? HOH A 203 . ? 1_555 ? 
12 AC1 14 HOH C .  ? HOH A 203 . ? 4_556 ? 
13 AC1 14 HOH C .  ? HOH A 219 . ? 4_556 ? 
14 AC1 14 HOH C .  ? HOH A 219 . ? 1_555 ? 
# 
_pdbx_entry_details.entry_id                   6Q5Q 
_pdbx_entry_details.compound_details           ? 
_pdbx_entry_details.source_details             ? 
_pdbx_entry_details.nonpolymer_details         ? 
_pdbx_entry_details.sequence_details           ? 
_pdbx_entry_details.has_ligand_of_interest     ? 
_pdbx_entry_details.has_protein_modification   Y 
# 
loop_
_pdbx_validate_close_contact.id 
_pdbx_validate_close_contact.PDB_model_num 
_pdbx_validate_close_contact.auth_atom_id_1 
_pdbx_validate_close_contact.auth_asym_id_1 
_pdbx_validate_close_contact.auth_comp_id_1 
_pdbx_validate_close_contact.auth_seq_id_1 
_pdbx_validate_close_contact.PDB_ins_code_1 
_pdbx_validate_close_contact.label_alt_id_1 
_pdbx_validate_close_contact.auth_atom_id_2 
_pdbx_validate_close_contact.auth_asym_id_2 
_pdbx_validate_close_contact.auth_comp_id_2 
_pdbx_validate_close_contact.auth_seq_id_2 
_pdbx_validate_close_contact.PDB_ins_code_2 
_pdbx_validate_close_contact.label_alt_id_2 
_pdbx_validate_close_contact.dist 
1 1 O A HOH 210 ? ? O A HOH 227 ? ? 1.40 
2 1 O A HOH 215 ? ? O A HOH 225 ? ? 1.85 
# 
loop_
_pdbx_validate_symm_contact.id 
_pdbx_validate_symm_contact.PDB_model_num 
_pdbx_validate_symm_contact.auth_atom_id_1 
_pdbx_validate_symm_contact.auth_asym_id_1 
_pdbx_validate_symm_contact.auth_comp_id_1 
_pdbx_validate_symm_contact.auth_seq_id_1 
_pdbx_validate_symm_contact.PDB_ins_code_1 
_pdbx_validate_symm_contact.label_alt_id_1 
_pdbx_validate_symm_contact.site_symmetry_1 
_pdbx_validate_symm_contact.auth_atom_id_2 
_pdbx_validate_symm_contact.auth_asym_id_2 
_pdbx_validate_symm_contact.auth_comp_id_2 
_pdbx_validate_symm_contact.auth_seq_id_2 
_pdbx_validate_symm_contact.PDB_ins_code_2 
_pdbx_validate_symm_contact.label_alt_id_2 
_pdbx_validate_symm_contact.site_symmetry_2 
_pdbx_validate_symm_contact.dist 
1 1 O A HOH 208 ? ? 1_555 O A HOH 232 ? ? 6_554 1.73 
2 1 O A HOH 234 ? ? 1_555 O A HOH 234 ? ? 2_665 1.92 
3 1 O A HOH 225 ? ? 1_555 O A HOH 230 ? ? 6_554 2.10 
4 1 O A HOH 215 ? ? 1_555 O A HOH 218 ? ? 6_554 2.18 
# 
_pdbx_validate_rmsd_bond.id                        1 
_pdbx_validate_rmsd_bond.PDB_model_num             1 
_pdbx_validate_rmsd_bond.auth_atom_id_1            C 
_pdbx_validate_rmsd_bond.auth_asym_id_1            A 
_pdbx_validate_rmsd_bond.auth_comp_id_1            GLY 
_pdbx_validate_rmsd_bond.auth_seq_id_1             32 
_pdbx_validate_rmsd_bond.PDB_ins_code_1            ? 
_pdbx_validate_rmsd_bond.label_alt_id_1            ? 
_pdbx_validate_rmsd_bond.auth_atom_id_2            O 
_pdbx_validate_rmsd_bond.auth_asym_id_2            A 
_pdbx_validate_rmsd_bond.auth_comp_id_2            GLY 
_pdbx_validate_rmsd_bond.auth_seq_id_2             32 
_pdbx_validate_rmsd_bond.PDB_ins_code_2            ? 
_pdbx_validate_rmsd_bond.label_alt_id_2            ? 
_pdbx_validate_rmsd_bond.bond_value                1.343 
_pdbx_validate_rmsd_bond.bond_target_value         1.232 
_pdbx_validate_rmsd_bond.bond_deviation            0.111 
_pdbx_validate_rmsd_bond.bond_standard_deviation   0.016 
_pdbx_validate_rmsd_bond.linker_flag               N 
# 
_pdbx_struct_special_symmetry.id              1 
_pdbx_struct_special_symmetry.PDB_model_num   1 
_pdbx_struct_special_symmetry.auth_asym_id    A 
_pdbx_struct_special_symmetry.auth_comp_id    HOH 
_pdbx_struct_special_symmetry.auth_seq_id     231 
_pdbx_struct_special_symmetry.PDB_ins_code    ? 
_pdbx_struct_special_symmetry.label_asym_id   C 
_pdbx_struct_special_symmetry.label_comp_id   HOH 
_pdbx_struct_special_symmetry.label_seq_id    . 
# 
loop_
_chem_comp_atom.comp_id 
_chem_comp_atom.atom_id 
_chem_comp_atom.type_symbol 
_chem_comp_atom.pdbx_aromatic_flag 
_chem_comp_atom.pdbx_stereo_config 
_chem_comp_atom.pdbx_ordinal 
ACE C    C N N 1   
ACE O    O N N 2   
ACE CH3  C N N 3   
ACE H    H N N 4   
ACE H1   H N N 5   
ACE H2   H N N 6   
ACE H3   H N N 7   
ALA N    N N N 8   
ALA CA   C N S 9   
ALA C    C N N 10  
ALA O    O N N 11  
ALA CB   C N N 12  
ALA OXT  O N N 13  
ALA H    H N N 14  
ALA H2   H N N 15  
ALA HA   H N N 16  
ALA HB1  H N N 17  
ALA HB2  H N N 18  
ALA HB3  H N N 19  
ALA HXT  H N N 20  
GLN N    N N N 21  
GLN CA   C N S 22  
GLN C    C N N 23  
GLN O    O N N 24  
GLN CB   C N N 25  
GLN CG   C N N 26  
GLN CD   C N N 27  
GLN OE1  O N N 28  
GLN NE2  N N N 29  
GLN OXT  O N N 30  
GLN H    H N N 31  
GLN H2   H N N 32  
GLN HA   H N N 33  
GLN HB2  H N N 34  
GLN HB3  H N N 35  
GLN HG2  H N N 36  
GLN HG3  H N N 37  
GLN HE21 H N N 38  
GLN HE22 H N N 39  
GLN HXT  H N N 40  
GLU N    N N N 41  
GLU CA   C N S 42  
GLU C    C N N 43  
GLU O    O N N 44  
GLU CB   C N N 45  
GLU CG   C N N 46  
GLU CD   C N N 47  
GLU OE1  O N N 48  
GLU OE2  O N N 49  
GLU OXT  O N N 50  
GLU H    H N N 51  
GLU H2   H N N 52  
GLU HA   H N N 53  
GLU HB2  H N N 54  
GLU HB3  H N N 55  
GLU HG2  H N N 56  
GLU HG3  H N N 57  
GLU HE2  H N N 58  
GLU HXT  H N N 59  
GLY N    N N N 60  
GLY CA   C N N 61  
GLY C    C N N 62  
GLY O    O N N 63  
GLY OXT  O N N 64  
GLY H    H N N 65  
GLY H2   H N N 66  
GLY HA2  H N N 67  
GLY HA3  H N N 68  
GLY HXT  H N N 69  
HOH O    O N N 70  
HOH H1   H N N 71  
HOH H2   H N N 72  
ILE N    N N N 73  
ILE CA   C N S 74  
ILE C    C N N 75  
ILE O    O N N 76  
ILE CB   C N S 77  
ILE CG1  C N N 78  
ILE CG2  C N N 79  
ILE CD1  C N N 80  
ILE OXT  O N N 81  
ILE H    H N N 82  
ILE H2   H N N 83  
ILE HA   H N N 84  
ILE HB   H N N 85  
ILE HG12 H N N 86  
ILE HG13 H N N 87  
ILE HG21 H N N 88  
ILE HG22 H N N 89  
ILE HG23 H N N 90  
ILE HD11 H N N 91  
ILE HD12 H N N 92  
ILE HD13 H N N 93  
ILE HXT  H N N 94  
LEU N    N N N 95  
LEU CA   C N S 96  
LEU C    C N N 97  
LEU O    O N N 98  
LEU CB   C N N 99  
LEU CG   C N N 100 
LEU CD1  C N N 101 
LEU CD2  C N N 102 
LEU OXT  O N N 103 
LEU H    H N N 104 
LEU H2   H N N 105 
LEU HA   H N N 106 
LEU HB2  H N N 107 
LEU HB3  H N N 108 
LEU HG   H N N 109 
LEU HD11 H N N 110 
LEU HD12 H N N 111 
LEU HD13 H N N 112 
LEU HD21 H N N 113 
LEU HD22 H N N 114 
LEU HD23 H N N 115 
LEU HXT  H N N 116 
LYS N    N N N 117 
LYS CA   C N S 118 
LYS C    C N N 119 
LYS O    O N N 120 
LYS CB   C N N 121 
LYS CG   C N N 122 
LYS CD   C N N 123 
LYS CE   C N N 124 
LYS NZ   N N N 125 
LYS OXT  O N N 126 
LYS H    H N N 127 
LYS H2   H N N 128 
LYS HA   H N N 129 
LYS HB2  H N N 130 
LYS HB3  H N N 131 
LYS HG2  H N N 132 
LYS HG3  H N N 133 
LYS HD2  H N N 134 
LYS HD3  H N N 135 
LYS HE2  H N N 136 
LYS HE3  H N N 137 
LYS HZ1  H N N 138 
LYS HZ2  H N N 139 
LYS HZ3  H N N 140 
LYS HXT  H N N 141 
NH2 N    N N N 142 
NH2 HN1  H N N 143 
NH2 HN2  H N N 144 
TLA O1   O N N 145 
TLA O11  O N N 146 
TLA C1   C N N 147 
TLA C2   C N R 148 
TLA O2   O N N 149 
TLA C3   C N R 150 
TLA O3   O N N 151 
TLA C4   C N N 152 
TLA O4   O N N 153 
TLA O41  O N N 154 
TLA H11  H N N 155 
TLA H2   H N N 156 
TLA HA   H N N 157 
TLA H3   H N N 158 
TLA HB   H N N 159 
TLA H41  H N N 160 
TRP N    N N N 161 
TRP CA   C N S 162 
TRP C    C N N 163 
TRP O    O N N 164 
TRP CB   C N N 165 
TRP CG   C Y N 166 
TRP CD1  C Y N 167 
TRP CD2  C Y N 168 
TRP NE1  N Y N 169 
TRP CE2  C Y N 170 
TRP CE3  C Y N 171 
TRP CZ2  C Y N 172 
TRP CZ3  C Y N 173 
TRP CH2  C Y N 174 
TRP OXT  O N N 175 
TRP H    H N N 176 
TRP H2   H N N 177 
TRP HA   H N N 178 
TRP HB2  H N N 179 
TRP HB3  H N N 180 
TRP HD1  H N N 181 
TRP HE1  H N N 182 
TRP HE3  H N N 183 
TRP HZ2  H N N 184 
TRP HZ3  H N N 185 
TRP HH2  H N N 186 
TRP HXT  H N N 187 
# 
loop_
_chem_comp_bond.comp_id 
_chem_comp_bond.atom_id_1 
_chem_comp_bond.atom_id_2 
_chem_comp_bond.value_order 
_chem_comp_bond.pdbx_aromatic_flag 
_chem_comp_bond.pdbx_stereo_config 
_chem_comp_bond.pdbx_ordinal 
ACE C   O    doub N N 1   
ACE C   CH3  sing N N 2   
ACE C   H    sing N N 3   
ACE CH3 H1   sing N N 4   
ACE CH3 H2   sing N N 5   
ACE CH3 H3   sing N N 6   
ALA N   CA   sing N N 7   
ALA N   H    sing N N 8   
ALA N   H2   sing N N 9   
ALA CA  C    sing N N 10  
ALA CA  CB   sing N N 11  
ALA CA  HA   sing N N 12  
ALA C   O    doub N N 13  
ALA C   OXT  sing N N 14  
ALA CB  HB1  sing N N 15  
ALA CB  HB2  sing N N 16  
ALA CB  HB3  sing N N 17  
ALA OXT HXT  sing N N 18  
GLN N   CA   sing N N 19  
GLN N   H    sing N N 20  
GLN N   H2   sing N N 21  
GLN CA  C    sing N N 22  
GLN CA  CB   sing N N 23  
GLN CA  HA   sing N N 24  
GLN C   O    doub N N 25  
GLN C   OXT  sing N N 26  
GLN CB  CG   sing N N 27  
GLN CB  HB2  sing N N 28  
GLN CB  HB3  sing N N 29  
GLN CG  CD   sing N N 30  
GLN CG  HG2  sing N N 31  
GLN CG  HG3  sing N N 32  
GLN CD  OE1  doub N N 33  
GLN CD  NE2  sing N N 34  
GLN NE2 HE21 sing N N 35  
GLN NE2 HE22 sing N N 36  
GLN OXT HXT  sing N N 37  
GLU N   CA   sing N N 38  
GLU N   H    sing N N 39  
GLU N   H2   sing N N 40  
GLU CA  C    sing N N 41  
GLU CA  CB   sing N N 42  
GLU CA  HA   sing N N 43  
GLU C   O    doub N N 44  
GLU C   OXT  sing N N 45  
GLU CB  CG   sing N N 46  
GLU CB  HB2  sing N N 47  
GLU CB  HB3  sing N N 48  
GLU CG  CD   sing N N 49  
GLU CG  HG2  sing N N 50  
GLU CG  HG3  sing N N 51  
GLU CD  OE1  doub N N 52  
GLU CD  OE2  sing N N 53  
GLU OE2 HE2  sing N N 54  
GLU OXT HXT  sing N N 55  
GLY N   CA   sing N N 56  
GLY N   H    sing N N 57  
GLY N   H2   sing N N 58  
GLY CA  C    sing N N 59  
GLY CA  HA2  sing N N 60  
GLY CA  HA3  sing N N 61  
GLY C   O    doub N N 62  
GLY C   OXT  sing N N 63  
GLY OXT HXT  sing N N 64  
HOH O   H1   sing N N 65  
HOH O   H2   sing N N 66  
ILE N   CA   sing N N 67  
ILE N   H    sing N N 68  
ILE N   H2   sing N N 69  
ILE CA  C    sing N N 70  
ILE CA  CB   sing N N 71  
ILE CA  HA   sing N N 72  
ILE C   O    doub N N 73  
ILE C   OXT  sing N N 74  
ILE CB  CG1  sing N N 75  
ILE CB  CG2  sing N N 76  
ILE CB  HB   sing N N 77  
ILE CG1 CD1  sing N N 78  
ILE CG1 HG12 sing N N 79  
ILE CG1 HG13 sing N N 80  
ILE CG2 HG21 sing N N 81  
ILE CG2 HG22 sing N N 82  
ILE CG2 HG23 sing N N 83  
ILE CD1 HD11 sing N N 84  
ILE CD1 HD12 sing N N 85  
ILE CD1 HD13 sing N N 86  
ILE OXT HXT  sing N N 87  
LEU N   CA   sing N N 88  
LEU N   H    sing N N 89  
LEU N   H2   sing N N 90  
LEU CA  C    sing N N 91  
LEU CA  CB   sing N N 92  
LEU CA  HA   sing N N 93  
LEU C   O    doub N N 94  
LEU C   OXT  sing N N 95  
LEU CB  CG   sing N N 96  
LEU CB  HB2  sing N N 97  
LEU CB  HB3  sing N N 98  
LEU CG  CD1  sing N N 99  
LEU CG  CD2  sing N N 100 
LEU CG  HG   sing N N 101 
LEU CD1 HD11 sing N N 102 
LEU CD1 HD12 sing N N 103 
LEU CD1 HD13 sing N N 104 
LEU CD2 HD21 sing N N 105 
LEU CD2 HD22 sing N N 106 
LEU CD2 HD23 sing N N 107 
LEU OXT HXT  sing N N 108 
LYS N   CA   sing N N 109 
LYS N   H    sing N N 110 
LYS N   H2   sing N N 111 
LYS CA  C    sing N N 112 
LYS CA  CB   sing N N 113 
LYS CA  HA   sing N N 114 
LYS C   O    doub N N 115 
LYS C   OXT  sing N N 116 
LYS CB  CG   sing N N 117 
LYS CB  HB2  sing N N 118 
LYS CB  HB3  sing N N 119 
LYS CG  CD   sing N N 120 
LYS CG  HG2  sing N N 121 
LYS CG  HG3  sing N N 122 
LYS CD  CE   sing N N 123 
LYS CD  HD2  sing N N 124 
LYS CD  HD3  sing N N 125 
LYS CE  NZ   sing N N 126 
LYS CE  HE2  sing N N 127 
LYS CE  HE3  sing N N 128 
LYS NZ  HZ1  sing N N 129 
LYS NZ  HZ2  sing N N 130 
LYS NZ  HZ3  sing N N 131 
LYS OXT HXT  sing N N 132 
NH2 N   HN1  sing N N 133 
NH2 N   HN2  sing N N 134 
TLA O1  C1   doub N N 135 
TLA O11 C1   sing N N 136 
TLA O11 H11  sing N N 137 
TLA C1  C2   sing N N 138 
TLA C2  O2   sing N N 139 
TLA C2  C3   sing N N 140 
TLA C2  H2   sing N N 141 
TLA O2  HA   sing N N 142 
TLA C3  O3   sing N N 143 
TLA C3  C4   sing N N 144 
TLA C3  H3   sing N N 145 
TLA O3  HB   sing N N 146 
TLA C4  O4   doub N N 147 
TLA C4  O41  sing N N 148 
TLA O41 H41  sing N N 149 
TRP N   CA   sing N N 150 
TRP N   H    sing N N 151 
TRP N   H2   sing N N 152 
TRP CA  C    sing N N 153 
TRP CA  CB   sing N N 154 
TRP CA  HA   sing N N 155 
TRP C   O    doub N N 156 
TRP C   OXT  sing N N 157 
TRP CB  CG   sing N N 158 
TRP CB  HB2  sing N N 159 
TRP CB  HB3  sing N N 160 
TRP CG  CD1  doub Y N 161 
TRP CG  CD2  sing Y N 162 
TRP CD1 NE1  sing Y N 163 
TRP CD1 HD1  sing N N 164 
TRP CD2 CE2  doub Y N 165 
TRP CD2 CE3  sing Y N 166 
TRP NE1 CE2  sing Y N 167 
TRP NE1 HE1  sing N N 168 
TRP CE2 CZ2  sing Y N 169 
TRP CE3 CZ3  doub Y N 170 
TRP CE3 HE3  sing N N 171 
TRP CZ2 CH2  doub Y N 172 
TRP CZ2 HZ2  sing N N 173 
TRP CZ3 CH2  sing Y N 174 
TRP CZ3 HZ3  sing N N 175 
TRP CH2 HH2  sing N N 176 
TRP OXT HXT  sing N N 177 
# 
loop_
_pdbx_audit_support.funding_organization 
_pdbx_audit_support.country 
_pdbx_audit_support.grant_number 
_pdbx_audit_support.ordinal 
'Biotechnology and Biological Sciences Research Council' 'United Kingdom' BB/J014400/1 1 
'Engineering and Physical Sciences Research Council'     'United Kingdom' EP/G036764/1 2 
'European Research Council'                              Belgium          340764       3 
'Biotechnology and Biological Sciences Research Council' 'United Kingdom' BB/R00661X/1 4 
'Engineering and Physical Sciences Research Council'     'United Kingdom' EP/K03927X/1 5 
# 
_atom_sites.entry_id                    6Q5Q 
_atom_sites.fract_transf_matrix[1][1]   0.02579159 
_atom_sites.fract_transf_matrix[1][2]   -0.01741000 
_atom_sites.fract_transf_matrix[1][3]   0.01602579 
_atom_sites.fract_transf_matrix[2][1]   0.02159231 
_atom_sites.fract_transf_matrix[2][2]   0.02535163 
_atom_sites.fract_transf_matrix[2][3]   -0.00720889 
_atom_sites.fract_transf_matrix[3][1]   -0.00422506 
_atom_sites.fract_transf_matrix[3][2]   0.00800494 
_atom_sites.fract_transf_matrix[3][3]   0.01549609 
_atom_sites.fract_transf_vector[1]      0.278721 
_atom_sites.fract_transf_vector[2]      0.374437 
_atom_sites.fract_transf_vector[3]      0.562584 
# 
loop_
_atom_type.symbol 
C 
N 
O 
# 
loop_
_atom_site.group_PDB 
_atom_site.id 
_atom_site.type_symbol 
_atom_site.label_atom_id 
_atom_site.label_alt_id 
_atom_site.label_comp_id 
_atom_site.label_asym_id 
_atom_site.label_entity_id 
_atom_site.label_seq_id 
_atom_site.pdbx_PDB_ins_code 
_atom_site.Cartn_x 
_atom_site.Cartn_y 
_atom_site.Cartn_z 
_atom_site.occupancy 
_atom_site.B_iso_or_equiv 
_atom_site.pdbx_formal_charge 
_atom_site.auth_seq_id 
_atom_site.auth_comp_id 
_atom_site.auth_asym_id 
_atom_site.auth_atom_id 
_atom_site.pdbx_PDB_model_num 
HETATM 1   C C   . ACE A 1 1  ? 7.531   -13.449 -19.899 1.00 19.39  ? 0   ACE A C   1 
HETATM 2   O O   . ACE A 1 1  ? 8.042   -13.100 -18.864 1.00 20.63  ? 0   ACE A O   1 
HETATM 3   C CH3 . ACE A 1 1  ? 7.522   -12.492 -21.079 1.00 20.14  ? 0   ACE A CH3 1 
ATOM   4   N N   . GLY A 1 2  ? 6.882   -14.631 -20.039 1.00 18.07  ? 1   GLY A N   1 
ATOM   5   C CA  . GLY A 1 2  ? 6.841   -15.590 -18.998 1.00 14.17  ? 1   GLY A CA  1 
ATOM   6   C C   . GLY A 1 2  ? 6.157   -15.030 -17.750 1.00 13.09  ? 1   GLY A C   1 
ATOM   7   O O   . GLY A 1 2  ? 5.024   -14.544 -17.842 1.00 14.29  ? 1   GLY A O   1 
ATOM   8   N N   . LYS A 1 3  ? 6.856   -15.034 -16.637 1.00 13.05  ? 2   LYS A N   1 
ATOM   9   C CA  . LYS A 1 3  ? 6.366   -14.624 -15.321 1.00 12.18  ? 2   LYS A CA  1 
ATOM   10  C C   . LYS A 1 3  ? 6.454   -13.123 -15.109 1.00 10.54  ? 2   LYS A C   1 
ATOM   11  O O   . LYS A 1 3  ? 5.998   -12.677 -14.062 1.00 11.70  ? 2   LYS A O   1 
ATOM   12  C CB  . LYS A 1 3  ? 7.192   -15.276 -14.214 1.00 16.93  ? 2   LYS A CB  1 
ATOM   13  C CG  . LYS A 1 3  ? 7.230   -16.770 -14.220 1.00 23.95  ? 2   LYS A CG  1 
ATOM   14  C CD  . LYS A 1 3  ? 5.963   -17.387 -13.784 1.00 29.75  ? 2   LYS A CD  1 
ATOM   15  C CE  . LYS A 1 3  ? 6.063   -18.897 -13.770 1.00 30.63  ? 2   LYS A CE  1 
ATOM   16  N NZ  . LYS A 1 3  ? 7.092   -19.360 -12.818 1.00 26.77  ? 2   LYS A NZ  1 
ATOM   17  N N   . LEU A 1 4  ? 7.054   -12.335 -15.979 1.00 10.09  ? 3   LEU A N   1 
ATOM   18  C CA  . LEU A 1 4  ? 7.263   -10.922 -15.652 1.00 9.88   ? 3   LEU A CA  1 
ATOM   19  C C   . LEU A 1 4  ? 5.974   -10.191 -15.372 1.00 9.91   ? 3   LEU A C   1 
ATOM   20  O O   . LEU A 1 4  ? 5.947   -9.366  -14.433 1.00 10.61  ? 3   LEU A O   1 
ATOM   21  C CB  . LEU A 1 4  ? 8.056   -10.229 -16.761 1.00 10.87  ? 3   LEU A CB  1 
ATOM   22  C CG  . LEU A 1 4  ? 9.470   -10.745 -17.002 1.00 11.42  ? 3   LEU A CG  1 
ATOM   23  C CD1 . LEU A 1 4  ? 10.177  -9.940  -18.074 1.00 14.88  ? 3   LEU A CD1 1 
ATOM   24  C CD2 . LEU A 1 4  ? 10.309  -10.797 -15.727 1.00 11.66  ? 3   LEU A CD2 1 
ATOM   25  N N   . GLU A 1 5  ? 4.935   -10.387 -16.170 1.00 9.42   ? 4   GLU A N   1 
ATOM   26  C CA  . GLU A 1 5  ? 3.684   -9.690  -15.914 1.00 10.08  ? 4   GLU A CA  1 
ATOM   27  C C   . GLU A 1 5  ? 3.073   -10.129 -14.567 1.00 9.49   ? 4   GLU A C   1 
ATOM   28  O O   . GLU A 1 5  ? 2.528   -9.274  -13.858 1.00 9.66   ? 4   GLU A O   1 
ATOM   29  C CB  . GLU A 1 5  ? 2.711   -9.863  -17.067 1.00 12.28  ? 4   GLU A CB  1 
ATOM   30  C CG  . GLU A 1 5  ? 3.220   -9.050  -18.277 1.00 15.19  ? 4   GLU A CG  1 
ATOM   31  C CD  . GLU A 1 5  ? 2.577   -9.407  -19.566 1.00 20.01  ? 4   GLU A CD  1 
ATOM   32  O OE1 . GLU A 1 5  ? 2.873   -10.549 -20.041 1.00 20.52  ? 4   GLU A OE1 1 
ATOM   33  O OE2 . GLU A 1 5  ? 1.675   -8.704  -19.924 1.00 27.89  ? 4   GLU A OE2 1 
ATOM   34  N N   . ALA A 1 6  ? 3.175   -11.384 -14.211 1.00 9.40   ? 5   ALA A N   1 
ATOM   35  C CA  . ALA A 1 6  ? 2.683   -11.845 -12.909 1.00 9.07   ? 5   ALA A CA  1 
ATOM   36  C C   . ALA A 1 6  ? 3.460   -11.151 -11.797 1.00 8.83   ? 5   ALA A C   1 
ATOM   37  O O   . ALA A 1 6  ? 2.860   -10.724 -10.786 1.00 9.19   ? 5   ALA A O   1 
ATOM   38  C CB  . ALA A 1 6  ? 2.794   -13.354 -12.825 1.00 10.48  ? 5   ALA A CB  1 
ATOM   39  N N   . ILE A 1 7  ? 4.791   -11.085 -11.917 1.00 8.84   ? 6   ILE A N   1 
ATOM   40  C CA  . ILE A 1 7  ? 5.594   -10.408 -10.881 1.00 8.80   ? 6   ILE A CA  1 
ATOM   41  C C   . ILE A 1 7  ? 5.133   -8.955  -10.755 1.00 9.05   ? 6   ILE A C   1 
ATOM   42  O O   . ILE A 1 7  ? 5.027   -8.437  -9.653  1.00 8.84   ? 6   ILE A O   1 
ATOM   43  C CB  . ILE A 1 7  ? 7.085   -10.547 -11.222 1.00 10.05  ? 6   ILE A CB  1 
ATOM   44  C CG1 . ILE A 1 7  ? 7.511   -12.006 -11.138 1.00 11.62  ? 6   ILE A CG1 1 
ATOM   45  C CG2 . ILE A 1 7  ? 7.903   -9.637  -10.319 1.00 11.23  ? 6   ILE A CG2 1 
ATOM   46  C CD1 . ILE A 1 7  ? 8.867   -12.306 -11.718 1.00 13.30  ? 6   ILE A CD1 1 
ATOM   47  N N   . ALA A 1 8  ? 4.940   -8.288  -11.887 1.00 8.37   ? 7   ALA A N   1 
ATOM   48  C CA  . ALA A 1 8  ? 4.462   -6.901  -11.869 1.00 8.42   ? 7   ALA A CA  1 
ATOM   49  C C   . ALA A 1 8  ? 3.184   -6.758  -11.085 1.00 8.44   ? 7   ALA A C   1 
ATOM   50  O O   . ALA A 1 8  ? 3.032   -5.781  -10.339 1.00 8.85   ? 7   ALA A O   1 
ATOM   51  C CB  . ALA A 1 8  ? 4.283   -6.418  -13.295 1.00 8.78   ? 7   ALA A CB  1 
ATOM   52  N N   . GLN A 1 9  ? 2.260   -7.678  -11.249 1.00 8.23   ? 8   GLN A N   1 
ATOM   53  C CA  . GLN A 1 9  ? 0.996   -7.535  -10.501 1.00 8.64   ? 8   GLN A CA  1 
ATOM   54  C C   . GLN A 1 9  ? 1.225   -7.720  -9.005  1.00 8.46   ? 8   GLN A C   1 
ATOM   55  O O   . GLN A 1 9  ? 0.519   -7.037  -8.202  1.00 9.82   ? 8   GLN A O   1 
ATOM   56  C CB  . GLN A 1 9  ? -0.054  -8.511  -10.983 1.00 9.94   ? 8   GLN A CB  1 
ATOM   57  C CG  . GLN A 1 9  ? -0.254  -8.563  -12.465 1.00 11.98  ? 8   GLN A CG  1 
ATOM   58  C CD  . GLN A 1 9  ? -0.262  -7.254  -13.163 1.00 14.91  ? 8   GLN A CD  1 
ATOM   59  O OE1 . GLN A 1 9  ? -1.069  -6.401  -12.889 1.00 18.94  ? 8   GLN A OE1 1 
ATOM   60  N NE2 . GLN A 1 9  ? 0.683   -7.050  -14.077 1.00 15.17  ? 8   GLN A NE2 1 
ATOM   61  N N   . LYS A 1 10 ? 2.118   -8.584  -8.596  1.00 8.48   ? 9   LYS A N   1 
ATOM   62  C CA  . LYS A 1 10 ? 2.416   -8.706  -7.171  1.00 8.90   ? 9   LYS A CA  1 
ATOM   63  C C   . LYS A 1 10 ? 3.035   -7.410  -6.645  1.00 8.66   ? 9   LYS A C   1 
ATOM   64  O O   . LYS A 1 10 ? 2.697   -6.982  -5.544  1.00 9.41   ? 9   LYS A O   1 
ATOM   65  C CB  . LYS A 1 10 ? 3.327   -9.900  -6.925  1.00 10.11  ? 9   LYS A CB  1 
ATOM   66  C CG  . LYS A 1 10 ? 3.549   -10.200 -5.450  1.00 13.02  ? 9   LYS A CG  1 
ATOM   67  C CD  . LYS A 1 10 ? 4.092   -11.537 -5.220  1.00 16.70  ? 9   LYS A CD  1 
ATOM   68  C CE  . LYS A 1 10 ? 4.238   -11.912 -3.784  1.00 19.28  ? 9   LYS A CE  1 
ATOM   69  N NZ  . LYS A 1 10 ? 4.638   -13.346 -3.678  1.00 24.01  ? 9   LYS A NZ  1 
ATOM   70  N N   . LEU A 1 11 ? 3.923   -6.791  -7.410  1.00 7.87   ? 10  LEU A N   1 
ATOM   71  C CA  . LEU A 1 11 ? 4.484   -5.514  -6.997  1.00 7.75   ? 10  LEU A CA  1 
ATOM   72  C C   . LEU A 1 11 ? 3.409   -4.461  -6.874  1.00 8.20   ? 10  LEU A C   1 
ATOM   73  O O   . LEU A 1 11 ? 3.470   -3.646  -5.936  1.00 8.95   ? 10  LEU A O   1 
ATOM   74  C CB  . LEU A 1 11 ? 5.569   -5.080  -7.974  1.00 8.63   ? 10  LEU A CB  1 
ATOM   75  C CG  . LEU A 1 11 ? 6.866   -5.916  -7.951  1.00 9.05   ? 10  LEU A CG  1 
ATOM   76  C CD1 . LEU A 1 11 ? 7.763   -5.462  -9.040  1.00 10.49  ? 10  LEU A CD1 1 
ATOM   77  C CD2 . LEU A 1 11 ? 7.560   -5.790  -6.633  1.00 10.28  ? 10  LEU A CD2 1 
ATOM   78  N N   . GLU A 1 12 ? 2.438   -4.415  -7.790  1.00 8.18   ? 11  GLU A N   1 
ATOM   79  C CA  . GLU A 1 12 ? 1.359   -3.463  -7.653  1.00 9.05   ? 11  GLU A CA  1 
ATOM   80  C C   . GLU A 1 12 ? 0.545   -3.723  -6.394  1.00 8.92   ? 11  GLU A C   1 
ATOM   81  O O   . GLU A 1 12 ? 0.105   -2.769  -5.719  1.00 9.82   ? 11  GLU A O   1 
ATOM   82  C CB  . GLU A 1 12 ? 0.469   -3.479  -8.880  1.00 11.88  ? 11  GLU A CB  1 
ATOM   83  C CG  . GLU A 1 12 ? 1.133   -2.883  -10.105 1.00 16.72  ? 11  GLU A CG  1 
ATOM   84  C CD  . GLU A 1 12 ? 0.319   -2.658  -11.348 1.00 33.34  ? 11  GLU A CD  1 
ATOM   85  O OE1 . GLU A 1 12 ? -0.874  -2.467  -11.224 1.00 45.55  ? 11  GLU A OE1 1 
ATOM   86  O OE2 . GLU A 1 12 ? 0.867   -2.844  -12.393 1.00 37.76  ? 11  GLU A OE2 1 
ATOM   87  N N   . ALA A 1 13 ? 0.293   -4.964  -6.081  1.00 8.98   ? 12  ALA A N   1 
ATOM   88  C CA  . ALA A 1 13 ? -0.438  -5.307  -4.853  1.00 9.26   ? 12  ALA A CA  1 
ATOM   89  C C   . ALA A 1 13 ? 0.349   -4.851  -3.620  1.00 9.39   ? 12  ALA A C   1 
ATOM   90  O O   . ALA A 1 13 ? -0.251  -4.352  -2.656  1.00 9.77   ? 12  ALA A O   1 
ATOM   91  C CB  . ALA A 1 13 ? -0.748  -6.778  -4.832  1.00 11.04  ? 12  ALA A CB  1 
ATOM   92  N N   . ILE A 1 14 ? 1.638   -5.059  -3.623  1.00 8.40   ? 13  ILE A N   1 
ATOM   93  C CA  . ILE A 1 14 ? 2.488   -4.588  -2.512  1.00 8.74   ? 13  ILE A CA  1 
ATOM   94  C C   . ILE A 1 14 ? 2.427   -3.067  -2.421  1.00 8.36   ? 13  ILE A C   1 
ATOM   95  O O   . ILE A 1 14 ? 2.352   -2.530  -1.309  1.00 8.49   ? 13  ILE A O   1 
ATOM   96  C CB  . ILE A 1 14 ? 3.899   -5.155  -2.658  1.00 9.27   ? 13  ILE A CB  1 
ATOM   97  C CG1 . ILE A 1 14 ? 3.917   -6.658  -2.421  1.00 10.65  ? 13  ILE A CG1 1 
ATOM   98  C CG2 . ILE A 1 14 ? 4.845   -4.431  -1.743  1.00 9.85   ? 13  ILE A CG2 1 
ATOM   99  C CD1 . ILE A 1 14 ? 5.160   -7.376  -2.819  1.00 12.04  ? 13  ILE A CD1 1 
ATOM   100 N N   . ALA A 1 15 ? 2.487   -2.381  -3.559  1.00 8.07   ? 14  ALA A N   1 
ATOM   101 C CA  . ALA A 1 15 ? 2.387   -0.920  -3.527  1.00 8.19   ? 14  ALA A CA  1 
ATOM   102 C C   . ALA A 1 15 ? 1.102   -0.473  -2.851  1.00 8.21   ? 14  ALA A C   1 
ATOM   103 O O   . ALA A 1 15 ? 1.094   0.480   -2.079  1.00 8.81   ? 14  ALA A O   1 
ATOM   104 C CB  . ALA A 1 15 ? 2.502   -0.368  -4.944  1.00 8.40   ? 14  ALA A CB  1 
ATOM   105 N N   . LYS A 1 16 ? -0.003  -1.159  -3.155  1.00 8.88   ? 15  LYS A N   1 
ATOM   106 C CA  . LYS A 1 16 ? -1.283  -0.810  -2.522  1.00 9.72   ? 15  LYS A CA  1 
ATOM   107 C C   . LYS A 1 16 ? -1.235  -1.080  -1.020  1.00 8.68   ? 15  LYS A C   1 
ATOM   108 O O   . LYS A 1 16 ? -1.822  -0.287  -0.260  1.00 9.81   ? 15  LYS A O   1 
ATOM   109 C CB  . LYS A 1 16 ? -2.435  -1.544  -3.204  1.00 11.38  ? 15  LYS A CB  1 
ATOM   110 C CG  . LYS A 1 16 ? -2.716  -1.037  -4.612  1.00 15.45  ? 15  LYS A CG  1 
ATOM   111 C CD  . LYS A 1 16 ? -3.783  -1.761  -5.298  1.00 26.28  ? 15  LYS A CD  1 
ATOM   112 C CE  . LYS A 1 16 ? -4.051  -1.136  -6.658  1.00 38.42  ? 15  LYS A CE  1 
ATOM   113 N NZ  . LYS A 1 16 ? -4.207  0.349   -6.575  1.00 49.56  ? 15  LYS A NZ  1 
ATOM   114 N N   . LYS A 1 17 ? -0.603  -2.130  -0.592  1.00 8.61   ? 16  LYS A N   1 
ATOM   115 C CA  . LYS A 1 17 ? -0.427  -2.353  0.863   1.00 8.50   ? 16  LYS A CA  1 
ATOM   116 C C   . LYS A 1 17 ? 0.353   -1.207  1.494   1.00 8.49   ? 16  LYS A C   1 
ATOM   117 O O   . LYS A 1 17 ? 0.010   -0.787  2.610   1.00 9.26   ? 16  LYS A O   1 
ATOM   118 C CB  . LYS A 1 17 ? 0.271   -3.664  1.170   1.00 11.00  ? 16  LYS A CB  1 
ATOM   119 C CG  . LYS A 1 17 ? -0.514  -4.922  0.851   1.00 12.80  ? 16  LYS A CG  1 
ATOM   120 C CD  . LYS A 1 17 ? -1.699  -5.167  1.726   1.00 16.85  ? 16  LYS A CD  1 
ATOM   121 C CE  . LYS A 1 17 ? -2.278  -6.524  1.392   1.00 18.47  ? 16  LYS A CE  1 
ATOM   122 N NZ  . LYS A 1 17 ? -3.419  -6.901  2.246   1.00 21.41  ? 16  LYS A NZ  1 
ATOM   123 N N   . LEU A 1 18 ? 1.418   -0.757  0.868   1.00 7.88   ? 17  LEU A N   1 
ATOM   124 C CA  . LEU A 1 18 ? 2.174   0.370   1.402   1.00 7.86   ? 17  LEU A CA  1 
ATOM   125 C C   . LEU A 1 18 ? 1.338   1.623   1.461   1.00 7.98   ? 17  LEU A C   1 
ATOM   126 O O   . LEU A 1 18 ? 1.490   2.377   2.449   1.00 8.47   ? 17  LEU A O   1 
ATOM   127 C CB  . LEU A 1 18 ? 3.439   0.570   0.584   1.00 8.65   ? 17  LEU A CB  1 
ATOM   128 C CG  . LEU A 1 18 ? 4.457   -0.531  0.670   1.00 9.19   ? 17  LEU A CG  1 
ATOM   129 C CD1 . LEU A 1 18 ? 5.610   -0.242  -0.257  1.00 11.52  ? 17  LEU A CD1 1 
ATOM   130 C CD2 . LEU A 1 18 ? 4.984   -0.758  2.104   1.00 9.42   ? 17  LEU A CD2 1 
ATOM   131 N N   . GLU A 1 19 ? 0.551   1.903   0.455   1.00 8.07   ? 18  GLU A N   1 
ATOM   132 C CA  A GLU A 1 19 ? -0.317  3.085   0.503   0.50 8.68   ? 18  GLU A CA  1 
ATOM   133 C CA  B GLU A 1 19 ? -0.332  3.088   0.506   0.50 8.69   ? 18  GLU A CA  1 
ATOM   134 C C   . GLU A 1 19 ? -1.295  2.973   1.664   1.00 8.67   ? 18  GLU A C   1 
ATOM   135 O O   . GLU A 1 19 ? -1.529  3.969   2.360   1.00 9.15   ? 18  GLU A O   1 
ATOM   136 C CB  A GLU A 1 19 ? -0.971  3.196   -0.855  0.50 10.80  ? 18  GLU A CB  1 
ATOM   137 C CB  B GLU A 1 19 ? -1.099  3.281   -0.789  0.50 9.78   ? 18  GLU A CB  1 
ATOM   138 C CG  A GLU A 1 19 ? -1.909  4.344   -0.979  0.50 14.28  ? 18  GLU A CG  1 
ATOM   139 C CG  B GLU A 1 19 ? -0.181  3.719   -1.902  0.50 10.98  ? 18  GLU A CG  1 
ATOM   140 C CD  A GLU A 1 19 ? -2.656  4.341   -2.296  0.50 18.59  ? 18  GLU A CD  1 
ATOM   141 C CD  B GLU A 1 19 ? -0.727  3.713   -3.306  0.50 15.64  ? 18  GLU A CD  1 
ATOM   142 O OE1 A GLU A 1 19 ? -3.376  3.335   -2.617  0.50 19.71  ? 18  GLU A OE1 1 
ATOM   143 O OE1 B GLU A 1 19 ? -1.714  3.024   -3.534  0.50 17.12  ? 18  GLU A OE1 1 
ATOM   144 O OE2 A GLU A 1 19 ? -2.463  5.302   -3.034  0.50 22.11  ? 18  GLU A OE2 1 
ATOM   145 O OE2 B GLU A 1 19 ? -0.067  4.337   -4.191  0.50 21.37  ? 18  GLU A OE2 1 
ATOM   146 N N   . ALA A 1 20 ? -1.873  1.809   1.867   1.00 8.19   ? 19  ALA A N   1 
ATOM   147 C CA  . ALA A 1 20 ? -2.795  1.603   2.993   1.00 8.72   ? 19  ALA A CA  1 
ATOM   148 C C   . ALA A 1 20 ? -2.087  1.862   4.332   1.00 8.13   ? 19  ALA A C   1 
ATOM   149 O O   . ALA A 1 20 ? -2.713  2.424   5.233   1.00 8.69   ? 19  ALA A O   1 
ATOM   150 C CB  . ALA A 1 20 ? -3.414  0.223   2.903   1.00 10.31  ? 19  ALA A CB  1 
ATOM   151 N N   . ILE A 1 21 ? -0.868  1.379   4.454   1.00 7.81   ? 20  ILE A N   1 
ATOM   152 C CA  . ILE A 1 21 ? -0.099  1.625   5.689   1.00 8.12   ? 20  ILE A CA  1 
ATOM   153 C C   . ILE A 1 21 ? 0.195   3.105   5.849   1.00 8.06   ? 20  ILE A C   1 
ATOM   154 O O   . ILE A 1 21 ? 0.112   3.630   6.964   1.00 8.33   ? 20  ILE A O   1 
ATOM   155 C CB  . ILE A 1 21 ? 1.179   0.796   5.696   1.00 8.47   ? 20  ILE A CB  1 
ATOM   156 C CG1 . ILE A 1 21 ? 0.882   -0.687  5.910   1.00 10.53  ? 20  ILE A CG1 1 
ATOM   157 C CG2 . ILE A 1 21 ? 2.122   1.279   6.774   1.00 9.52   ? 20  ILE A CG2 1 
ATOM   158 C CD1 . ILE A 1 21 ? 1.996   -1.634  5.588   1.00 11.94  ? 20  ILE A CD1 1 
ATOM   159 N N   . ALA A 1 22 ? 0.552   3.785   4.763   1.00 7.69   ? 21  ALA A N   1 
ATOM   160 C CA  . ALA A 1 22 ? 0.743   5.245   4.823   1.00 8.45   ? 21  ALA A CA  1 
ATOM   161 C C   . ALA A 1 22 ? -0.503  5.913   5.385   1.00 8.73   ? 21  ALA A C   1 
ATOM   162 O O   . ALA A 1 22 ? -0.404  6.776   6.282   1.00 8.98   ? 21  ALA A O   1 
ATOM   163 C CB  . ALA A 1 22 ? 1.111   5.782   3.469   1.00 8.66   ? 21  ALA A CB  1 
ATOM   164 N N   . TRP A 1 23 ? -1.661  5.586   4.819   1.00 8.39   ? 22  TRP A N   1 
ATOM   165 C CA  . TRP A 1 23 ? -2.880  6.228   5.307   1.00 8.72   ? 22  TRP A CA  1 
ATOM   166 C C   . TRP A 1 23 ? -3.182  5.859   6.749   1.00 8.19   ? 22  TRP A C   1 
ATOM   167 O O   . TRP A 1 23 ? -3.710  6.718   7.482   1.00 8.99   ? 22  TRP A O   1 
ATOM   168 C CB  . TRP A 1 23 ? -4.020  5.872   4.359   1.00 10.37  ? 22  TRP A CB  1 
ATOM   169 C CG  . TRP A 1 23 ? -3.729  6.334   2.963   1.00 13.20  ? 22  TRP A CG  1 
ATOM   170 C CD1 . TRP A 1 23 ? -2.738  7.207   2.515   1.00 16.78  ? 22  TRP A CD1 1 
ATOM   171 C CD2 . TRP A 1 23 ? -4.369  5.854   1.785   1.00 13.95  ? 22  TRP A CD2 1 
ATOM   172 N NE1 . TRP A 1 23 ? -2.766  7.325   1.143   1.00 18.16  ? 22  TRP A NE1 1 
ATOM   173 C CE2 . TRP A 1 23 ? -3.784  6.511   0.675   1.00 21.37  ? 22  TRP A CE2 1 
ATOM   174 C CE3 . TRP A 1 23 ? -5.275  4.818   1.580   1.00 18.01  ? 22  TRP A CE3 1 
ATOM   175 C CZ2 . TRP A 1 23 ? -4.187  6.243   -0.628  1.00 29.43  ? 22  TRP A CZ2 1 
ATOM   176 C CZ3 . TRP A 1 23 ? -5.694  4.585   0.281   1.00 27.98  ? 22  TRP A CZ3 1 
ATOM   177 C CH2 . TRP A 1 23 ? -5.162  5.282   -0.804  1.00 31.78  ? 22  TRP A CH2 1 
ATOM   178 N N   . LYS A 1 24 ? -2.865  4.642   7.157   1.00 8.20   ? 23  LYS A N   1 
ATOM   179 C CA  . LYS A 1 24 ? -3.010  4.210   8.551   1.00 8.04   ? 23  LYS A CA  1 
ATOM   180 C C   . LYS A 1 24 ? -2.162  5.070   9.485   1.00 8.15   ? 23  LYS A C   1 
ATOM   181 O O   . LYS A 1 24 ? -2.633  5.498   10.533  1.00 8.95   ? 23  LYS A O   1 
ATOM   182 C CB  . LYS A 1 24 ? -2.654  2.713   8.608   1.00 9.48   ? 23  LYS A CB  1 
ATOM   183 C CG  . LYS A 1 24 ? -2.863  2.021   9.940   1.00 11.35  ? 23  LYS A CG  1 
ATOM   184 C CD  . LYS A 1 24 ? -2.434  0.556   9.845   1.00 11.63  ? 23  LYS A CD  1 
ATOM   185 C CE  . LYS A 1 24 ? -2.674  -0.238  11.092  1.00 16.74  ? 23  LYS A CE  1 
ATOM   186 N NZ  . LYS A 1 24 ? -2.563  -1.689  10.815  1.00 22.11  ? 23  LYS A NZ  1 
ATOM   187 N N   . LEU A 1 25 ? -0.924  5.294   9.097   1.00 7.98   ? 24  LEU A N   1 
ATOM   188 C CA  . LEU A 1 25 ? -0.026  6.137   9.912   1.00 8.16   ? 24  LEU A CA  1 
ATOM   189 C C   . LEU A 1 25 ? -0.534  7.563   9.984   1.00 9.01   ? 24  LEU A C   1 
ATOM   190 O O   . LEU A 1 25 ? -0.456  8.172   11.066  1.00 9.84   ? 24  LEU A O   1 
ATOM   191 C CB  . LEU A 1 25 ? 1.367   6.102   9.298   1.00 9.27   ? 24  LEU A CB  1 
ATOM   192 C CG  . LEU A 1 25 ? 2.150   4.804   9.512   1.00 9.79   ? 24  LEU A CG  1 
ATOM   193 C CD1 . LEU A 1 25 ? 3.407   4.781   8.654   1.00 12.58  ? 24  LEU A CD1 1 
ATOM   194 C CD2 . LEU A 1 25 ? 2.476   4.584   10.963  1.00 11.15  ? 24  LEU A CD2 1 
ATOM   195 N N   . GLU A 1 26 ? -0.986  8.101   8.861   1.00 8.64   ? 25  GLU A N   1 
ATOM   196 C CA  . GLU A 1 26 ? -1.549  9.470   8.880   1.00 9.49   ? 25  GLU A CA  1 
ATOM   197 C C   . GLU A 1 26 ? -2.737  9.531   9.840   1.00 9.61   ? 25  GLU A C   1 
ATOM   198 O O   . GLU A 1 26 ? -2.895  10.514  10.569  1.00 10.62  ? 25  GLU A O   1 
ATOM   199 C CB  . GLU A 1 26 ? -1.981  9.867   7.495   1.00 10.62  ? 25  GLU A CB  1 
ATOM   200 C CG  . GLU A 1 26 ? -0.876  10.189  6.547   1.00 14.77  ? 25  GLU A CG  1 
ATOM   201 C CD  . GLU A 1 26 ? -1.412  10.627  5.223   1.00 20.29  ? 25  GLU A CD  1 
ATOM   202 O OE1 . GLU A 1 26 ? -2.681  10.599  5.043   1.00 30.09  ? 25  GLU A OE1 1 
ATOM   203 O OE2 . GLU A 1 26 ? -0.601  11.047  4.403   1.00 24.84  ? 25  GLU A OE2 1 
ATOM   204 N N   . ALA A 1 27 ? -3.595  8.513   9.804   1.00 8.95   ? 26  ALA A N   1 
ATOM   205 C CA  . ALA A 1 27 ? -4.741  8.479   10.722  1.00 9.26   ? 26  ALA A CA  1 
ATOM   206 C C   . ALA A 1 27 ? -4.308  8.394   12.164  1.00 9.89   ? 26  ALA A C   1 
ATOM   207 O O   . ALA A 1 27 ? -4.947  9.058   13.028  1.00 11.89  ? 26  ALA A O   1 
ATOM   208 C CB  . ALA A 1 27 ? -5.682  7.368   10.327  1.00 10.16  ? 26  ALA A CB  1 
ATOM   209 N N   . ILE A 1 28 ? -3.292  7.610   12.485  1.00 9.36   ? 27  ILE A N   1 
ATOM   210 C CA  . ILE A 1 28 ? -2.779  7.586   13.876  1.00 10.70  ? 27  ILE A CA  1 
ATOM   211 C C   . ILE A 1 28 ? -2.354  8.975   14.272  1.00 12.63  ? 27  ILE A C   1 
ATOM   212 O O   . ILE A 1 28 ? -2.724  9.475   15.347  1.00 14.91  ? 27  ILE A O   1 
ATOM   213 C CB  . ILE A 1 28 ? -1.685  6.552   14.037  1.00 11.03  ? 27  ILE A CB  1 
ATOM   214 C CG1 . ILE A 1 28 ? -2.247  5.153   13.825  1.00 10.97  ? 27  ILE A CG1 1 
ATOM   215 C CG2 . ILE A 1 28 ? -0.991  6.739   15.360  1.00 13.17  ? 27  ILE A CG2 1 
ATOM   216 C CD1 . ILE A 1 28 ? -1.220  4.047   13.696  1.00 11.84  ? 27  ILE A CD1 1 
ATOM   217 N N   . ALA A 1 29 ? -1.625  9.669   13.412  1.00 12.00  ? 28  ALA A N   1 
ATOM   218 C CA  . ALA A 1 29 ? -1.209  11.050  13.696  1.00 14.30  ? 28  ALA A CA  1 
ATOM   219 C C   . ALA A 1 29 ? -2.434  11.966  13.905  1.00 15.90  ? 28  ALA A C   1 
ATOM   220 O O   . ALA A 1 29 ? -2.334  12.878  14.786  1.00 21.26  ? 28  ALA A O   1 
ATOM   221 C CB  . ALA A 1 29 ? -0.335  11.578  12.568  1.00 14.29  ? 28  ALA A CB  1 
ATOM   222 N N   . GLN A 1 30 ? -3.501  11.894  13.107  1.00 15.03  ? 29  GLN A N   1 
ATOM   223 C CA  . GLN A 1 30 ? -4.623  12.869  13.084  1.00 16.89  ? 29  GLN A CA  1 
ATOM   224 C C   . GLN A 1 30 ? -5.626  12.618  14.194  1.00 19.90  ? 29  GLN A C   1 
ATOM   225 O O   . GLN A 1 30 ? -6.414  13.531  14.485  1.00 25.31  ? 29  GLN A O   1 
ATOM   226 C CB  . GLN A 1 30 ? -5.255  12.902  11.702  1.00 19.52  ? 29  GLN A CB  1 
ATOM   227 C CG  . GLN A 1 30 ? -4.236  13.468  10.710  1.00 29.04  ? 29  GLN A CG  1 
ATOM   228 C CD  . GLN A 1 30 ? -4.590  13.161  9.283   1.00 54.70  ? 29  GLN A CD  1 
ATOM   229 O OE1 . GLN A 1 30 ? -5.740  12.744  9.001   1.00 56.87  ? 29  GLN A OE1 1 
ATOM   230 N NE2 . GLN A 1 30 ? -3.582  13.369  8.378   1.00 71.61  ? 29  GLN A NE2 1 
ATOM   231 N N   . GLY A 1 31 ? -5.594  11.471  14.855  1.00 17.91  ? 30  GLY A N   1 
ATOM   232 C CA  . GLY A 1 31 ? -6.534  11.264  15.979  1.00 18.63  ? 30  GLY A CA  1 
ATOM   233 C C   . GLY A 1 31 ? -8.036  11.399  15.679  1.00 16.17  ? 30  GLY A C   1 
ATOM   234 O O   . GLY A 1 31 ? -8.513  11.010  14.637  1.00 16.34  ? 30  GLY A O   1 
ATOM   235 N N   . ALA A 1 32 ? -8.838  11.920  16.623  1.00 17.26  ? 31  ALA A N   1 
ATOM   236 C CA  . ALA A 1 32 ? -10.331 11.948  16.511  1.00 17.58  ? 31  ALA A CA  1 
ATOM   237 C C   . ALA A 1 32 ? -10.902 12.951  15.473  1.00 17.82  ? 31  ALA A C   1 
ATOM   238 O O   . ALA A 1 32 ? -12.059 12.728  14.963  1.00 23.13  ? 31  ALA A O   1 
ATOM   239 C CB  . ALA A 1 32 ? -10.967 12.192  17.834  1.00 20.26  ? 31  ALA A CB  1 
ATOM   240 N N   . GLY A 1 33 ? -10.137 13.989  15.072  1.00 20.29  ? 32  GLY A N   1 
ATOM   241 C CA  . GLY A 1 33 ? -10.565 14.918  13.983  1.00 21.04  ? 32  GLY A CA  1 
ATOM   242 C C   . GLY A 1 33 ? -10.555 14.242  12.630  1.00 21.40  ? 32  GLY A C   1 
ATOM   243 O O   . GLY A 1 33 ? -11.594 14.420  11.798  1.00 21.97  ? 32  GLY A O   1 
HETATM 244 N N   . NH2 A 1 34 ? -9.495  13.500  12.426  1.00 23.47  ? 33  NH2 A N   1 
HETATM 245 O O1  . TLA B 2 .  ? -2.862  -9.383  -0.414  0.50 21.49  ? 101 TLA A O1  1 
HETATM 246 O O11 . TLA B 2 .  ? -3.967  -9.538  1.460   0.50 39.56  ? 101 TLA A O11 1 
HETATM 247 C C1  . TLA B 2 .  ? -3.180  -10.001 0.620   0.50 20.05  ? 101 TLA A C1  1 
HETATM 248 C C2  . TLA B 2 .  ? -2.558  -11.347 0.902   0.50 21.25  ? 101 TLA A C2  1 
HETATM 249 O O2  . TLA B 2 .  ? -1.994  -11.940 -0.294  0.50 38.47  ? 101 TLA A O2  1 
HETATM 250 C C3  . TLA B 2 .  ? -3.581  -12.269 1.547   0.50 11.66  ? 101 TLA A C3  1 
HETATM 251 O O3  . TLA B 2 .  ? -3.904  -11.837 2.892   0.50 10.91  ? 101 TLA A O3  1 
HETATM 252 C C4  . TLA B 2 .  ? -4.812  -12.364 0.678   0.50 16.71  ? 101 TLA A C4  1 
HETATM 253 O O4  . TLA B 2 .  ? -4.652  -12.404 -0.552  0.50 12.97  ? 101 TLA A O4  1 
HETATM 254 O O41 . TLA B 2 .  ? -5.936  -12.435 1.214   0.50 31.62  ? 101 TLA A O41 1 
HETATM 255 O O   . HOH C 3 .  ? -6.067  10.678  8.229   1.00 21.90  ? 201 HOH A O   1 
HETATM 256 O O   . HOH C 3 .  ? -0.056  -9.475  -21.482 1.00 22.63  ? 202 HOH A O   1 
HETATM 257 O O   . HOH C 3 .  ? -3.615  -7.492  -1.845  1.00 26.25  ? 203 HOH A O   1 
HETATM 258 O O   . HOH C 3 .  ? -1.514  -3.151  12.666  1.00 45.87  ? 204 HOH A O   1 
HETATM 259 O O   . HOH C 3 .  ? -4.131  10.508  2.839   1.00 44.61  ? 205 HOH A O   1 
HETATM 260 O O   . HOH C 3 .  ? -7.572  9.684   12.511  1.00 16.14  ? 206 HOH A O   1 
HETATM 261 O O   . HOH C 3 .  ? -4.995  -4.715  1.986   1.00 27.96  ? 207 HOH A O   1 
HETATM 262 O O   . HOH C 3 .  ? 3.102   -10.642 -22.758 1.00 27.08  ? 208 HOH A O   1 
HETATM 263 O O   . HOH C 3 .  ? -2.729  -5.541  -10.851 1.00 18.45  ? 209 HOH A O   1 
HETATM 264 O O   . HOH C 3 .  ? -4.673  8.353   16.967  1.00 20.70  ? 210 HOH A O   1 
HETATM 265 O O   . HOH C 3 .  ? -0.323  -2.437  9.328   1.00 18.03  ? 211 HOH A O   1 
HETATM 266 O O   . HOH C 3 .  ? 2.878   -15.049 -5.042  1.00 27.88  ? 212 HOH A O   1 
HETATM 267 O O   . HOH C 3 .  ? -2.922  -5.053  -2.140  1.00 16.56  ? 213 HOH A O   1 
HETATM 268 O O   . HOH C 3 .  ? -2.254  -6.639  -8.470  1.00 14.96  ? 214 HOH A O   1 
HETATM 269 O O   . HOH C 3 .  ? 5.747   -15.982 -22.248 1.00 51.21  ? 215 HOH A O   1 
HETATM 270 O O   . HOH C 3 .  ? 5.016   -11.839 -18.713 1.00 13.16  ? 216 HOH A O   1 
HETATM 271 O O   . HOH C 3 .  ? -5.356  8.755   6.388   1.00 22.91  ? 217 HOH A O   1 
HETATM 272 O O   . HOH C 3 .  ? -4.249  1.079   -0.940  1.00 24.51  ? 218 HOH A O   1 
HETATM 273 O O   . HOH C 3 .  ? -6.643  -8.454  1.749   1.00 54.24  ? 219 HOH A O   1 
HETATM 274 O O   . HOH C 3 .  ? -1.365  -2.744  4.255   1.00 18.95  ? 220 HOH A O   1 
HETATM 275 O O   . HOH C 3 .  ? -0.562  -0.435  -7.316  1.00 25.12  ? 221 HOH A O   1 
HETATM 276 O O   . HOH C 3 .  ? -5.638  2.655   5.280   1.00 11.15  ? 222 HOH A O   1 
HETATM 277 O O   . HOH C 3 .  ? 9.649   -16.020 -16.617 1.00 23.83  ? 223 HOH A O   1 
HETATM 278 O O   . HOH C 3 .  ? 3.703   -12.952 -8.946  1.00 17.28  ? 224 HOH A O   1 
HETATM 279 O O   . HOH C 3 .  ? 5.008   -14.302 -22.439 1.00 49.31  ? 225 HOH A O   1 
HETATM 280 O O   . HOH C 3 .  ? -1.224  0.479   -10.033 1.00 41.39  ? 226 HOH A O   1 
HETATM 281 O O   . HOH C 3 .  ? -3.813  7.518   17.680  1.00 43.82  ? 227 HOH A O   1 
HETATM 282 O O   . HOH C 3 .  ? -3.066  -4.193  -7.057  1.00 28.44  ? 228 HOH A O   1 
HETATM 283 O O   . HOH C 3 .  ? -8.134  10.096  9.940   1.00 19.28  ? 229 HOH A O   1 
HETATM 284 O O   . HOH C 3 .  ? -4.413  -3.654  -0.360  1.00 37.74  ? 230 HOH A O   1 
HETATM 285 O O   . HOH C 3 .  ? -3.282  4.477   -7.247  0.50 105.45 ? 231 HOH A O   1 
HETATM 286 O O   . HOH C 3 .  ? -4.694  -2.742  3.562   1.00 33.21  ? 232 HOH A O   1 
HETATM 287 O O   . HOH C 3 .  ? -4.294  -4.921  -4.686  1.00 39.74  ? 233 HOH A O   1 
HETATM 288 O O   . HOH C 3 .  ? 12.877  -10.977 -20.430 1.00 59.12  ? 234 HOH A O   1 
# 
loop_
_atom_site_anisotrop.id 
_atom_site_anisotrop.type_symbol 
_atom_site_anisotrop.pdbx_label_atom_id 
_atom_site_anisotrop.pdbx_label_alt_id 
_atom_site_anisotrop.pdbx_label_comp_id 
_atom_site_anisotrop.pdbx_label_asym_id 
_atom_site_anisotrop.pdbx_label_seq_id 
_atom_site_anisotrop.pdbx_PDB_ins_code 
_atom_site_anisotrop.U[1][1] 
_atom_site_anisotrop.U[2][2] 
_atom_site_anisotrop.U[3][3] 
_atom_site_anisotrop.U[1][2] 
_atom_site_anisotrop.U[1][3] 
_atom_site_anisotrop.U[2][3] 
_atom_site_anisotrop.pdbx_auth_seq_id 
_atom_site_anisotrop.pdbx_auth_comp_id 
_atom_site_anisotrop.pdbx_auth_asym_id 
_atom_site_anisotrop.pdbx_auth_atom_id 
1   C C   . ACE A 1  ? 0.2606 0.2760 0.1998 -0.0626 0.0305  -0.0365 0   ACE A C   
2   O O   . ACE A 1  ? 0.2553 0.3385 0.1900 -0.0860 0.0068  -0.0837 0   ACE A O   
3   C CH3 . ACE A 1  ? 0.2334 0.2674 0.2640 -0.0048 0.0278  0.0093  0   ACE A CH3 
4   N N   . GLY A 2  ? 0.2805 0.2454 0.1605 -0.0169 0.0059  -0.0199 1   GLY A N   
5   C CA  . GLY A 2  ? 0.2229 0.1814 0.1340 0.0029  -0.0044 -0.0265 1   GLY A CA  
6   C C   . GLY A 2  ? 0.1821 0.1858 0.1294 0.0029  -0.0098 -0.0260 1   GLY A C   
7   O O   . GLY A 2  ? 0.1635 0.2023 0.1771 0.0133  0.0017  -0.0210 1   GLY A O   
8   N N   . LYS A 3  ? 0.1523 0.1912 0.1524 0.0106  -0.0193 -0.0290 2   LYS A N   
9   C CA  . LYS A 3  ? 0.1517 0.1679 0.1431 0.0066  -0.0044 -0.0213 2   LYS A CA  
10  C C   . LYS A 3  ? 0.1228 0.1503 0.1273 0.0040  0.0088  -0.0219 2   LYS A C   
11  O O   . LYS A 3  ? 0.1411 0.1829 0.1204 0.0000  0.0100  -0.0186 2   LYS A O   
12  C CB  . LYS A 3  ? 0.2422 0.2194 0.1816 0.0547  -0.0224 -0.0167 2   LYS A CB  
13  C CG  . LYS A 3  ? 0.4215 0.2321 0.2564 0.0333  0.0071  0.0175  2   LYS A CG  
14  C CD  . LYS A 3  ? 0.4079 0.3177 0.4046 -0.0065 0.0300  -0.0184 2   LYS A CD  
15  C CE  . LYS A 3  ? 0.4248 0.3237 0.4151 0.0420  -0.0599 0.0606  2   LYS A CE  
16  N NZ  . LYS A 3  ? 0.3440 0.3275 0.3455 -0.0009 -0.0052 0.0378  2   LYS A NZ  
17  N N   . LEU A 4  ? 0.1071 0.1590 0.1172 0.0136  0.0173  -0.0227 3   LEU A N   
18  C CA  . LEU A 4  ? 0.1154 0.1501 0.1098 0.0050  0.0108  -0.0132 3   LEU A CA  
19  C C   . LEU A 4  ? 0.1138 0.1541 0.1086 -0.0099 0.0112  -0.0161 3   LEU A C   
20  O O   . LEU A 4  ? 0.1231 0.1561 0.1235 -0.0148 0.0169  -0.0215 3   LEU A O   
21  C CB  . LEU A 4  ? 0.1090 0.1865 0.1174 -0.0143 0.0175  -0.0223 3   LEU A CB  
22  C CG  . LEU A 4  ? 0.1200 0.1860 0.1278 0.0009  0.0228  -0.0226 3   LEU A CG  
23  C CD1 . LEU A 4  ? 0.1581 0.2461 0.1611 -0.0118 0.0391  -0.0028 3   LEU A CD1 
24  C CD2 . LEU A 4  ? 0.1094 0.1768 0.1570 -0.0065 0.0109  0.0059  3   LEU A CD2 
25  N N   . GLU A 5  ? 0.1138 0.1461 0.0980 -0.0078 0.0132  -0.0114 4   GLU A N   
26  C CA  . GLU A 5  ? 0.1259 0.1388 0.1180 0.0086  0.0177  0.0080  4   GLU A CA  
27  C C   . GLU A 5  ? 0.1090 0.1407 0.1107 -0.0147 -0.0019 -0.0081 4   GLU A C   
28  O O   . GLU A 5  ? 0.1100 0.1409 0.1161 0.0028  0.0092  -0.0099 4   GLU A O   
29  C CB  . GLU A 5  ? 0.1312 0.2008 0.1343 0.0037  0.0060  0.0129  4   GLU A CB  
30  C CG  . GLU A 5  ? 0.2015 0.1983 0.1774 0.0181  0.0554  0.0130  4   GLU A CG  
31  C CD  . GLU A 5  ? 0.2178 0.2469 0.2955 -0.0057 -0.0185 -0.0268 4   GLU A CD  
32  O OE1 . GLU A 5  ? 0.3123 0.2801 0.1872 0.0208  -0.0261 0.0067  4   GLU A OE1 
33  O OE2 . GLU A 5  ? 0.3498 0.3673 0.3426 0.0758  -0.0849 0.0578  4   GLU A OE2 
34  N N   . ALA A 6  ? 0.1179 0.1291 0.1101 -0.0123 0.0101  -0.0247 5   ALA A N   
35  C CA  . ALA A 6  ? 0.1090 0.1318 0.1037 -0.0072 -0.0020 -0.0144 5   ALA A CA  
36  C C   . ALA A 6  ? 0.1013 0.1242 0.1099 -0.0105 0.0064  -0.0130 5   ALA A C   
37  O O   . ALA A 6  ? 0.1082 0.1414 0.0996 -0.0152 0.0073  -0.0130 5   ALA A O   
38  C CB  . ALA A 6  ? 0.1306 0.1400 0.1275 -0.0124 0.0086  -0.0164 5   ALA A CB  
39  N N   . ILE A 7  ? 0.0957 0.1345 0.1053 -0.0039 0.0033  -0.0226 6   ILE A N   
40  C CA  . ILE A 7  ? 0.1039 0.1377 0.0927 -0.0057 0.0064  -0.0102 6   ILE A CA  
41  C C   . ILE A 7  ? 0.1210 0.1324 0.0903 -0.0145 0.0135  -0.0195 6   ILE A C   
42  O O   . ILE A 7  ? 0.1051 0.1414 0.0891 -0.0027 0.0002  -0.0133 6   ILE A O   
43  C CB  . ILE A 7  ? 0.1081 0.1697 0.1039 -0.0010 0.0146  -0.0149 6   ILE A CB  
44  C CG1 . ILE A 7  ? 0.1355 0.1977 0.1082 0.0190  0.0011  -0.0066 6   ILE A CG1 
45  C CG2 . ILE A 7  ? 0.1103 0.2022 0.1140 -0.0005 0.0011  -0.0174 6   ILE A CG2 
46  C CD1 . ILE A 7  ? 0.1353 0.2491 0.1208 0.0539  -0.0088 -0.0046 6   ILE A CD1 
47  N N   . ALA A 8  ? 0.0980 0.1260 0.0936 -0.0049 -0.0011 -0.0179 7   ALA A N   
48  C CA  . ALA A 8  ? 0.1122 0.1234 0.0841 -0.0097 -0.0109 -0.0095 7   ALA A CA  
49  C C   . ALA A 8  ? 0.1138 0.1179 0.0888 -0.0073 0.0026  -0.0078 7   ALA A C   
50  O O   . ALA A 8  ? 0.1245 0.1217 0.0898 -0.0090 -0.0014 -0.0061 7   ALA A O   
51  C CB  . ALA A 8  ? 0.1155 0.1207 0.0973 -0.0067 -0.0134 -0.0039 7   ALA A CB  
52  N N   . GLN A 9  ? 0.1073 0.1185 0.0867 -0.0080 -0.0043 -0.0176 8   GLN A N   
53  C CA  . GLN A 9  ? 0.1018 0.1262 0.1000 0.0012  -0.0019 -0.0243 8   GLN A CA  
54  C C   . GLN A 9  ? 0.0907 0.1207 0.1097 -0.0007 0.0049  -0.0147 8   GLN A C   
55  O O   . GLN A 9  ? 0.1180 0.1336 0.1216 0.0010  0.0110  -0.0323 8   GLN A O   
56  C CB  . GLN A 9  ? 0.1182 0.1385 0.1207 -0.0141 -0.0073 -0.0197 8   GLN A CB  
57  C CG  . GLN A 9  ? 0.1166 0.2017 0.1368 -0.0234 0.0016  -0.0173 8   GLN A CG  
58  C CD  . GLN A 9  ? 0.1677 0.2166 0.1820 0.0034  -0.0115 0.0054  8   GLN A CD  
59  O OE1 . GLN A 9  ? 0.1873 0.2703 0.2620 0.0630  -0.0021 0.0031  8   GLN A OE1 
60  N NE2 . GLN A 9  ? 0.1664 0.2391 0.1706 -0.0319 -0.0063 -0.0121 8   GLN A NE2 
61  N N   . LYS A 10 ? 0.1081 0.1128 0.1012 -0.0044 -0.0006 -0.0079 9   LYS A N   
62  C CA  . LYS A 10 ? 0.1107 0.1256 0.1017 -0.0088 0.0056  0.0086  9   LYS A CA  
63  C C   . LYS A 10 ? 0.1223 0.1104 0.0963 -0.0061 0.0163  -0.0101 9   LYS A C   
64  O O   . LYS A 10 ? 0.1375 0.1227 0.0973 -0.0049 0.0197  -0.0066 9   LYS A O   
65  C CB  . LYS A 10 ? 0.1617 0.1077 0.1145 -0.0071 -0.0074 -0.0052 9   LYS A CB  
66  C CG  . LYS A 10 ? 0.2009 0.1634 0.1303 -0.0027 -0.0294 -0.0055 9   LYS A CG  
67  C CD  . LYS A 10 ? 0.2959 0.1724 0.1661 -0.0220 -0.0158 0.0210  9   LYS A CD  
68  C CE  . LYS A 10 ? 0.3816 0.1971 0.1536 -0.0357 0.0031  0.0288  9   LYS A CE  
69  N NZ  . LYS A 10 ? 0.4841 0.2096 0.2184 -0.0246 -0.0779 0.0224  9   LYS A NZ  
70  N N   . LEU A 11 ? 0.1144 0.1033 0.0814 -0.0066 0.0027  -0.0021 10  LEU A N   
71  C CA  . LEU A 11 ? 0.1044 0.1142 0.0758 -0.0068 0.0004  -0.0054 10  LEU A CA  
72  C C   . LEU A 11 ? 0.1169 0.1074 0.0874 -0.0012 0.0039  -0.0072 10  LEU A C   
73  O O   . LEU A 11 ? 0.1194 0.1211 0.0992 -0.0121 0.0037  -0.0137 10  LEU A O   
74  C CB  . LEU A 11 ? 0.1112 0.1269 0.0897 -0.0194 0.0003  -0.0063 10  LEU A CB  
75  C CG  . LEU A 11 ? 0.1034 0.1392 0.1010 -0.0047 -0.0100 -0.0034 10  LEU A CG  
76  C CD1 . LEU A 11 ? 0.1064 0.1826 0.1096 0.0004  -0.0034 -0.0166 10  LEU A CD1 
77  C CD2 . LEU A 11 ? 0.1146 0.1660 0.1100 -0.0055 -0.0126 0.0068  10  LEU A CD2 
78  N N   . GLU A 12 ? 0.1147 0.1115 0.0842 0.0031  -0.0017 -0.0070 11  GLU A N   
79  C CA  . GLU A 12 ? 0.1169 0.1136 0.1133 0.0037  0.0031  -0.0155 11  GLU A CA  
80  C C   . GLU A 12 ? 0.1039 0.1215 0.1134 0.0158  -0.0088 -0.0158 11  GLU A C   
81  O O   . GLU A 12 ? 0.1167 0.1266 0.1295 0.0124  0.0012  -0.0292 11  GLU A O   
82  C CB  . GLU A 12 ? 0.1608 0.1817 0.1087 0.0250  -0.0041 -0.0175 11  GLU A CB  
83  C CG  . GLU A 12 ? 0.2198 0.2299 0.1855 0.0037  0.0351  -0.0214 11  GLU A CG  
84  C CD  . GLU A 12 ? 0.3980 0.5518 0.3169 0.0185  -0.0604 0.0677  11  GLU A CD  
85  O OE1 . GLU A 12 ? 0.4782 0.9794 0.2731 0.3220  -0.1346 0.0037  11  GLU A OE1 
86  O OE2 . GLU A 12 ? 0.4740 0.6617 0.2989 -0.1203 -0.0670 0.1189  11  GLU A OE2 
87  N N   . ALA A 13 ? 0.1142 0.1222 0.1048 -0.0081 0.0080  -0.0218 12  ALA A N   
88  C CA  . ALA A 13 ? 0.1107 0.1292 0.1119 -0.0055 0.0103  -0.0279 12  ALA A CA  
89  C C   . ALA A 13 ? 0.1257 0.1200 0.1108 0.0058  0.0063  -0.0259 12  ALA A C   
90  O O   . ALA A 13 ? 0.1268 0.1334 0.1108 -0.0128 0.0217  -0.0254 12  ALA A O   
91  C CB  . ALA A 13 ? 0.1494 0.1373 0.1327 -0.0253 0.0210  -0.0283 12  ALA A CB  
92  N N   . ILE A 14 ? 0.1181 0.1079 0.0929 0.0072  0.0043  -0.0107 13  ILE A N   
93  C CA  . ILE A 14 ? 0.1307 0.1149 0.0863 -0.0070 0.0040  -0.0120 13  ILE A CA  
94  C C   . ILE A 14 ? 0.1116 0.1169 0.0890 -0.0057 0.0131  -0.0170 13  ILE A C   
95  O O   . ILE A 14 ? 0.1148 0.1240 0.0836 0.0045  -0.0017 -0.0127 13  ILE A O   
96  C CB  . ILE A 14 ? 0.1412 0.1225 0.0886 0.0127  0.0045  -0.0049 13  ILE A CB  
97  C CG1 . ILE A 14 ? 0.1596 0.1390 0.1061 0.0257  0.0079  0.0193  13  ILE A CG1 
98  C CG2 . ILE A 14 ? 0.1453 0.1447 0.0843 0.0205  -0.0138 0.0043  13  ILE A CG2 
99  C CD1 . ILE A 14 ? 0.1532 0.1455 0.1586 0.0200  0.0144  0.0230  13  ILE A CD1 
100 N N   . ALA A 15 ? 0.1063 0.1153 0.0847 -0.0036 0.0035  -0.0157 14  ALA A N   
101 C CA  . ALA A 15 ? 0.1168 0.1122 0.0819 -0.0028 -0.0022 -0.0090 14  ALA A CA  
102 C C   . ALA A 15 ? 0.1233 0.1135 0.0751 -0.0009 -0.0015 -0.0087 14  ALA A C   
103 O O   . ALA A 15 ? 0.1167 0.1189 0.0991 -0.0023 0.0088  -0.0154 14  ALA A O   
104 C CB  . ALA A 15 ? 0.1095 0.1138 0.0957 -0.0061 -0.0006 -0.0068 14  ALA A CB  
105 N N   . LYS A 16 ? 0.1236 0.1172 0.0963 -0.0025 0.0041  -0.0267 15  LYS A N   
106 C CA  . LYS A 16 ? 0.1232 0.1324 0.1136 -0.0029 -0.0045 -0.0124 15  LYS A CA  
107 C C   . LYS A 16 ? 0.1011 0.1168 0.1118 -0.0055 0.0078  -0.0155 15  LYS A C   
108 O O   . LYS A 16 ? 0.1168 0.1322 0.1236 0.0131  0.0124  -0.0243 15  LYS A O   
109 C CB  . LYS A 16 ? 0.1232 0.1777 0.1312 0.0014  -0.0100 -0.0356 15  LYS A CB  
110 C CG  . LYS A 16 ? 0.1636 0.2686 0.1545 0.0473  -0.0012 -0.0112 15  LYS A CG  
111 C CD  . LYS A 16 ? 0.2890 0.4327 0.2767 0.0289  -0.0951 -0.0220 15  LYS A CD  
112 C CE  . LYS A 16 ? 0.5422 0.5602 0.3570 0.0946  -0.0499 0.1127  15  LYS A CE  
113 N NZ  . LYS A 16 ? 0.6740 0.5433 0.6655 0.1534  0.1154  0.0498  15  LYS A NZ  
114 N N   . LYS A 17 ? 0.1126 0.1037 0.1109 -0.0029 0.0010  -0.0158 16  LYS A N   
115 C CA  . LYS A 17 ? 0.1093 0.1156 0.0979 -0.0032 0.0147  -0.0037 16  LYS A CA  
116 C C   . LYS A 17 ? 0.1155 0.1170 0.0899 -0.0057 0.0153  -0.0018 16  LYS A C   
117 O O   . LYS A 17 ? 0.1226 0.1219 0.1072 -0.0068 0.0214  -0.0104 16  LYS A O   
118 C CB  . LYS A 17 ? 0.1609 0.1092 0.1476 -0.0020 0.0391  -0.0148 16  LYS A CB  
119 C CG  . LYS A 17 ? 0.2154 0.1422 0.1285 -0.0182 0.0285  -0.0214 16  LYS A CG  
120 C CD  . LYS A 17 ? 0.2241 0.2038 0.2122 -0.0317 0.0375  -0.0798 16  LYS A CD  
121 C CE  . LYS A 17 ? 0.2996 0.1850 0.2171 -0.0527 0.0526  -0.0394 16  LYS A CE  
122 N NZ  . LYS A 17 ? 0.2777 0.2199 0.3157 -0.0611 0.0383  0.0103  16  LYS A NZ  
123 N N   . LEU A 18 ? 0.1016 0.1155 0.0821 0.0046  0.0156  -0.0090 17  LEU A N   
124 C CA  . LEU A 18 ? 0.0941 0.1244 0.0799 0.0020  0.0052  -0.0072 17  LEU A CA  
125 C C   . LEU A 18 ? 0.0975 0.1152 0.0903 -0.0033 0.0076  -0.0058 17  LEU A C   
126 O O   . LEU A 18 ? 0.1072 0.1181 0.0966 -0.0012 0.0077  -0.0164 17  LEU A O   
127 C CB  . LEU A 18 ? 0.1062 0.1328 0.0895 0.0023  0.0090  -0.0001 17  LEU A CB  
128 C CG  . LEU A 18 ? 0.1093 0.1307 0.1090 0.0069  -0.0046 -0.0178 17  LEU A CG  
129 C CD1 . LEU A 18 ? 0.1112 0.2103 0.1159 0.0309  0.0068  0.0083  17  LEU A CD1 
130 C CD2 . LEU A 18 ? 0.0990 0.1448 0.1141 0.0104  -0.0041 -0.0033 17  LEU A CD2 
131 N N   . GLU A 19 ? 0.1053 0.1102 0.0911 0.0038  0.0030  -0.0075 18  GLU A N   
132 C CA  A GLU A 19 ? 0.1092 0.1155 0.1049 0.0088  -0.0048 -0.0157 18  GLU A CA  
133 C CA  B GLU A 19 ? 0.1119 0.1146 0.1036 0.0095  -0.0028 -0.0187 18  GLU A CA  
134 C C   . GLU A 19 ? 0.1165 0.1237 0.0890 0.0091  -0.0137 -0.0087 18  GLU A C   
135 O O   . GLU A 19 ? 0.1277 0.1153 0.1045 0.0198  -0.0022 -0.0115 18  GLU A O   
136 C CB  A GLU A 19 ? 0.1459 0.1528 0.1113 -0.0016 -0.0105 0.0023  18  GLU A CB  
137 C CB  B GLU A 19 ? 0.1401 0.1207 0.1104 0.0174  -0.0035 -0.0010 18  GLU A CB  
138 C CG  A GLU A 19 ? 0.1992 0.1713 0.1719 0.0178  -0.0057 0.0048  18  GLU A CG  
139 C CG  B GLU A 19 ? 0.1620 0.1504 0.1046 0.0262  0.0011  0.0051  18  GLU A CG  
140 C CD  A GLU A 19 ? 0.2212 0.2699 0.2153 0.0216  -0.0354 0.0385  18  GLU A CD  
141 C CD  B GLU A 19 ? 0.2689 0.2007 0.1245 -0.0219 -0.0389 0.0058  18  GLU A CD  
142 O OE1 A GLU A 19 ? 0.2384 0.2987 0.2117 0.0064  -0.0705 0.0354  18  GLU A OE1 
143 O OE1 B GLU A 19 ? 0.2247 0.2828 0.1429 -0.0106 -0.0473 0.0344  18  GLU A OE1 
144 O OE2 A GLU A 19 ? 0.3198 0.2808 0.2392 -0.0674 -0.0615 0.0575  18  GLU A OE2 
145 O OE2 B GLU A 19 ? 0.2776 0.3620 0.1725 -0.0862 -0.0585 0.0791  18  GLU A OE2 
146 N N   . ALA A 20 ? 0.0973 0.1212 0.0927 0.0102  -0.0111 -0.0143 19  ALA A N   
147 C CA  . ALA A 20 ? 0.1018 0.1301 0.0991 -0.0020 -0.0082 -0.0007 19  ALA A CA  
148 C C   . ALA A 20 ? 0.1020 0.1083 0.0984 0.0060  0.0003  -0.0079 19  ALA A C   
149 O O   . ALA A 20 ? 0.1024 0.1240 0.1036 0.0023  0.0098  -0.0121 19  ALA A O   
150 C CB  . ALA A 20 ? 0.1228 0.1523 0.1163 -0.0145 0.0128  -0.0276 19  ALA A CB  
151 N N   . ILE A 21 ? 0.0978 0.0999 0.0989 0.0096  0.0055  -0.0062 20  ILE A N   
152 C CA  . ILE A 21 ? 0.1119 0.1103 0.0862 0.0039  0.0101  0.0042  20  ILE A CA  
153 C C   . ILE A 21 ? 0.0992 0.1148 0.0923 -0.0001 0.0065  -0.0151 20  ILE A C   
154 O O   . ILE A 21 ? 0.0986 0.1243 0.0935 -0.0009 -0.0004 -0.0137 20  ILE A O   
155 C CB  . ILE A 21 ? 0.1153 0.1064 0.1001 0.0109  0.0045  0.0099  20  ILE A CB  
156 C CG1 . ILE A 21 ? 0.1440 0.1194 0.1364 0.0091  0.0132  0.0004  20  ILE A CG1 
157 C CG2 . ILE A 21 ? 0.1347 0.1247 0.1023 0.0185  -0.0051 0.0021  20  ILE A CG2 
158 C CD1 . ILE A 21 ? 0.1722 0.1248 0.1564 0.0306  0.0198  0.0146  20  ILE A CD1 
159 N N   . ALA A 22 ? 0.0950 0.1105 0.0866 -0.0034 0.0063  -0.0095 21  ALA A N   
160 C CA  . ALA A 22 ? 0.1127 0.1123 0.0959 -0.0036 0.0078  -0.0091 21  ALA A CA  
161 C C   . ALA A 22 ? 0.1172 0.1232 0.0912 -0.0011 0.0112  -0.0066 21  ALA A C   
162 O O   . ALA A 22 ? 0.1256 0.1081 0.1073 -0.0072 0.0187  -0.0125 21  ALA A O   
163 C CB  . ALA A 22 ? 0.1210 0.1118 0.0962 -0.0007 0.0100  -0.0070 21  ALA A CB  
164 N N   . TRP A 23 ? 0.1195 0.1036 0.0953 0.0081  -0.0009 -0.0098 22  TRP A N   
165 C CA  . TRP A 23 ? 0.1281 0.1082 0.0945 0.0165  0.0093  -0.0009 22  TRP A CA  
166 C C   . TRP A 23 ? 0.1066 0.1105 0.0939 0.0069  0.0067  -0.0074 22  TRP A C   
167 O O   . TRP A 23 ? 0.1127 0.1188 0.1099 0.0137  0.0120  -0.0071 22  TRP A O   
168 C CB  . TRP A 23 ? 0.1512 0.1238 0.1191 0.0217  -0.0043 0.0004  22  TRP A CB  
169 C CG  . TRP A 23 ? 0.2385 0.1328 0.1301 0.0012  -0.0071 -0.0005 22  TRP A CG  
170 C CD1 . TRP A 23 ? 0.2434 0.2225 0.1717 -0.0052 0.0131  0.0354  22  TRP A CD1 
171 C CD2 . TRP A 23 ? 0.2030 0.1652 0.1615 0.0302  -0.0166 -0.0065 22  TRP A CD2 
172 N NE1 . TRP A 23 ? 0.2526 0.2621 0.1751 0.0013  0.0247  0.0150  22  TRP A NE1 
173 C CE2 . TRP A 23 ? 0.3895 0.2832 0.1391 -0.0574 -0.0658 0.0352  22  TRP A CE2 
174 C CE3 . TRP A 23 ? 0.2549 0.2514 0.1778 -0.0321 -0.0327 -0.0161 22  TRP A CE3 
175 C CZ2 . TRP A 23 ? 0.5586 0.4450 0.1147 -0.1660 -0.0850 0.1169  22  TRP A CZ2 
176 C CZ3 . TRP A 23 ? 0.4295 0.4235 0.2101 -0.1836 -0.1254 0.0752  22  TRP A CZ3 
177 C CH2 . TRP A 23 ? 0.5020 0.5250 0.1802 -0.1803 -0.1018 0.0936  22  TRP A CH2 
178 N N   . LYS A 24 ? 0.0974 0.1140 0.1001 0.0088  0.0070  -0.0103 23  LYS A N   
179 C CA  . LYS A 24 ? 0.0794 0.1191 0.1070 0.0029  0.0130  -0.0022 23  LYS A CA  
180 C C   . LYS A 24 ? 0.1135 0.1028 0.0933 -0.0064 0.0216  -0.0050 23  LYS A C   
181 O O   . LYS A 24 ? 0.1098 0.1294 0.1006 -0.0010 0.0197  -0.0117 23  LYS A O   
182 C CB  . LYS A 24 ? 0.1275 0.1218 0.1105 -0.0049 0.0032  -0.0046 23  LYS A CB  
183 C CG  . LYS A 24 ? 0.1497 0.1522 0.1292 -0.0189 0.0126  0.0013  23  LYS A CG  
184 C CD  . LYS A 24 ? 0.1194 0.1574 0.1650 0.0054  0.0094  0.0150  23  LYS A CD  
185 C CE  . LYS A 24 ? 0.1908 0.2067 0.2381 0.0545  0.0665  0.0512  23  LYS A CE  
186 N NZ  . LYS A 24 ? 0.2441 0.1990 0.3969 0.0272  0.1149  0.0804  23  LYS A NZ  
187 N N   . LEU A 25 ? 0.1020 0.1132 0.0879 0.0008  0.0118  -0.0088 24  LEU A N   
188 C CA  . LEU A 25 ? 0.0889 0.1228 0.0984 0.0069  0.0094  -0.0159 24  LEU A CA  
189 C C   . LEU A 25 ? 0.1076 0.1178 0.1168 -0.0064 0.0079  -0.0216 24  LEU A C   
190 O O   . LEU A 25 ? 0.1308 0.1277 0.1152 -0.0116 0.0207  -0.0267 24  LEU A O   
191 C CB  . LEU A 25 ? 0.0929 0.1566 0.1024 -0.0069 0.0080  -0.0202 24  LEU A CB  
192 C CG  . LEU A 25 ? 0.0936 0.1681 0.1100 0.0089  0.0052  -0.0321 24  LEU A CG  
193 C CD1 . LEU A 25 ? 0.1203 0.2259 0.1317 0.0082  0.0256  -0.0152 24  LEU A CD1 
194 C CD2 . LEU A 25 ? 0.1230 0.1847 0.1157 0.0071  -0.0034 -0.0156 24  LEU A CD2 
195 N N   . GLU A 26 ? 0.1121 0.1071 0.1092 -0.0053 0.0103  -0.0174 25  GLU A N   
196 C CA  . GLU A 26 ? 0.1248 0.1145 0.1211 -0.0076 0.0067  -0.0191 25  GLU A CA  
197 C C   . GLU A 26 ? 0.1373 0.1038 0.1239 -0.0116 0.0207  -0.0147 25  GLU A C   
198 O O   . GLU A 26 ? 0.1590 0.1013 0.1431 -0.0084 0.0348  -0.0169 25  GLU A O   
199 C CB  . GLU A 26 ? 0.1412 0.1114 0.1509 0.0170  -0.0028 0.0104  25  GLU A CB  
200 C CG  . GLU A 26 ? 0.2164 0.1584 0.1865 -0.0073 0.0300  -0.0132 25  GLU A CG  
201 C CD  . GLU A 26 ? 0.2187 0.3411 0.2109 0.0524  0.0502  0.0575  25  GLU A CD  
202 O OE1 . GLU A 26 ? 0.2369 0.6683 0.2378 -0.0129 -0.0454 0.2049  25  GLU A OE1 
203 O OE2 . GLU A 26 ? 0.2927 0.4032 0.2478 -0.0884 0.0326  0.0806  25  GLU A OE2 
204 N N   . ALA A 27 ? 0.1074 0.1044 0.1281 0.0060  0.0114  -0.0115 26  ALA A N   
205 C CA  . ALA A 27 ? 0.1105 0.1057 0.1356 0.0060  0.0136  -0.0058 26  ALA A CA  
206 C C   . ALA A 27 ? 0.1360 0.1066 0.1329 -0.0047 0.0259  -0.0170 26  ALA A C   
207 O O   . ALA A 27 ? 0.1530 0.1310 0.1677 -0.0135 0.0468  -0.0436 26  ALA A O   
208 C CB  . ALA A 27 ? 0.1255 0.1033 0.1572 0.0005  0.0119  -0.0040 26  ALA A CB  
209 N N   . ILE A 28 ? 0.1183 0.1232 0.1141 -0.0056 0.0210  -0.0156 27  ILE A N   
210 C CA  . ILE A 28 ? 0.1586 0.1397 0.1083 -0.0194 0.0220  -0.0107 27  ILE A CA  
211 C C   . ILE A 28 ? 0.1997 0.1679 0.1120 -0.0511 0.0463  -0.0345 27  ILE A C   
212 O O   . ILE A 28 ? 0.2534 0.1938 0.1190 -0.0859 0.0566  -0.0486 27  ILE A O   
213 C CB  . ILE A 28 ? 0.1467 0.1653 0.1069 -0.0137 0.0080  0.0037  27  ILE A CB  
214 C CG1 . ILE A 28 ? 0.1405 0.1576 0.1187 0.0002  0.0210  -0.0066 27  ILE A CG1 
215 C CG2 . ILE A 28 ? 0.1953 0.1930 0.1119 -0.0375 -0.0053 0.0119  27  ILE A CG2 
216 C CD1 . ILE A 28 ? 0.1479 0.1698 0.1319 0.0043  0.0059  0.0211  27  ILE A CD1 
217 N N   . ALA A 29 ? 0.1951 0.1443 0.1164 -0.0484 0.0334  -0.0190 28  ALA A N   
218 C CA  . ALA A 29 ? 0.2111 0.1674 0.1646 -0.0728 0.0336  -0.0335 28  ALA A CA  
219 C C   . ALA A 29 ? 0.2548 0.1512 0.1979 -0.0619 0.0567  -0.0485 28  ALA A C   
220 O O   . ALA A 29 ? 0.3405 0.2157 0.2513 -0.1257 0.0994  -0.1124 28  ALA A O   
221 C CB  . ALA A 29 ? 0.2087 0.1568 0.1774 -0.0703 0.0331  -0.0323 28  ALA A CB  
222 N N   . GLN A 30 ? 0.2290 0.1413 0.2006 -0.0224 0.0779  -0.0430 29  GLN A N   
223 C CA  . GLN A 30 ? 0.2284 0.1360 0.2771 -0.0178 0.0960  -0.0326 29  GLN A CA  
224 C C   . GLN A 30 ? 0.3168 0.1735 0.2654 -0.0332 0.1373  -0.0512 29  GLN A C   
225 O O   . GLN A 30 ? 0.4250 0.1773 0.3591 -0.0207 0.2728  -0.0916 29  GLN A O   
226 C CB  . GLN A 30 ? 0.2593 0.1549 0.3276 0.0336  0.0624  -0.0447 29  GLN A CB  
227 C CG  . GLN A 30 ? 0.4035 0.2155 0.4841 0.0305  0.1785  -0.0113 29  GLN A CG  
228 C CD  . GLN A 30 ? 0.8614 0.7513 0.4655 -0.0045 -0.1328 -0.0660 29  GLN A CD  
229 O OE1 . GLN A 30 ? 0.5852 0.7551 0.8204 0.1264  -0.1407 -0.1169 29  GLN A OE1 
230 N NE2 . GLN A 30 ? 1.3029 0.0254 1.3925 -0.0100 0.1675  0.1595  29  GLN A NE2 
231 N N   . GLY A 31 ? 0.2737 0.2168 0.1900 -0.0579 0.0921  -0.0346 30  GLY A N   
232 C CA  . GLY A 31 ? 0.2541 0.2863 0.1674 -0.0703 0.0667  -0.0467 30  GLY A CA  
233 C C   . GLY A 31 ? 0.2310 0.2018 0.1816 -0.0506 0.0400  -0.0260 30  GLY A C   
234 O O   . GLY A 31 ? 0.2232 0.2016 0.1958 -0.0025 0.0430  -0.0517 30  GLY A O   
235 N N   . ALA A 32 ? 0.2547 0.2180 0.1830 -0.0579 0.0523  -0.0674 31  ALA A N   
236 C CA  . ALA A 32 ? 0.2516 0.2320 0.1845 -0.0251 0.0416  -0.0527 31  ALA A CA  
237 C C   . ALA A 32 ? 0.2338 0.2092 0.2337 -0.0104 0.0550  -0.0180 31  ALA A C   
238 O O   . ALA A 32 ? 0.2798 0.2965 0.3024 -0.0190 0.0269  0.0074  31  ALA A O   
239 C CB  . ALA A 32 ? 0.3181 0.2722 0.1794 -0.0629 0.0677  -0.0297 31  ALA A CB  
240 N N   . GLY A 33 ? 0.3027 0.2125 0.2556 -0.0248 0.0544  0.0149  32  GLY A N   
241 C CA  . GLY A 33 ? 0.3362 0.2087 0.2542 0.0251  0.0210  0.0009  32  GLY A CA  
242 C C   . GLY A 33 ? 0.3250 0.2216 0.2664 0.0634  0.0537  0.0017  32  GLY A C   
243 O O   . GLY A 33 ? 0.3228 0.2426 0.2694 -0.0059 0.0346  0.0609  32  GLY A O   
244 N N   . NH2 A 34 ? 0.3274 0.2625 0.3017 0.0624  0.0833  0.0367  33  NH2 A N   
245 O O1  . TLA B .  ? 0.2586 0.2515 0.3064 -0.0252 0.0172  -0.0237 101 TLA A O1  
246 O O11 . TLA B .  ? 0.4238 0.3970 0.6821 0.0616  0.1981  -0.0519 101 TLA A O11 
247 C C1  . TLA B .  ? 0.2664 0.1741 0.3213 -0.0487 0.0518  -0.0003 101 TLA A C1  
248 C C2  . TLA B .  ? 0.3132 0.1735 0.3207 -0.0500 -0.0087 -0.0193 101 TLA A C2  
249 O O2  . TLA B .  ? 0.3800 0.5102 0.5714 0.0406  0.0066  -0.0552 101 TLA A O2  
250 C C3  . TLA B .  ? 0.1944 0.1292 0.1192 0.0206  0.0120  -0.0122 101 TLA A C3  
251 O O3  . TLA B .  ? 0.1618 0.1227 0.1296 0.0121  0.0209  0.0027  101 TLA A O3  
252 C C4  . TLA B .  ? 0.2482 0.2268 0.1600 0.0456  -0.0228 -0.0355 101 TLA A C4  
253 O O4  . TLA B .  ? 0.1918 0.1601 0.1408 -0.0235 -0.0002 -0.0058 101 TLA A O4  
254 O O41 . TLA B .  ? 0.4041 0.2468 0.5501 0.0718  0.1313  -0.0701 101 TLA A O41 
255 O O   . HOH C .  ? 0.2729 0.2475 0.3115 0.0091  0.0298  0.0445  201 HOH A O   
256 O O   . HOH C .  ? 0.2531 0.2516 0.3550 0.0290  -0.0880 -0.1030 202 HOH A O   
257 O O   . HOH C .  ? 0.3857 0.3179 0.2935 -0.0798 -0.0243 0.0289  203 HOH A O   
258 O O   . HOH C .  ? 0.6159 0.4982 0.6285 0.2084  -0.1777 0.0990  204 HOH A O   
259 O O   . HOH C .  ? 0.1957 0.8485 0.6507 0.3393  -0.0568 -0.0217 205 HOH A O   
260 O O   . HOH C .  ? 0.1998 0.2078 0.2055 -0.0015 0.0179  -0.0452 206 HOH A O   
261 O O   . HOH C .  ? 0.3238 0.4247 0.3136 -0.0308 0.0880  0.0440  207 HOH A O   
262 O O   . HOH C .  ? 0.3845 0.3866 0.2578 0.0632  -0.0864 -0.0519 208 HOH A O   
263 O O   . HOH C .  ? 0.2241 0.2374 0.2392 -0.0007 -0.0022 -0.0228 209 HOH A O   
264 O O   . HOH C .  ? 0.2604 0.3092 0.2168 -0.0881 0.0889  -0.0432 210 HOH A O   
265 O O   . HOH C .  ? 0.2294 0.2088 0.2466 0.0270  -0.0029 -0.0022 211 HOH A O   
266 O O   . HOH C .  ? 0.4341 0.4015 0.2236 -0.0583 -0.0283 -0.0253 212 HOH A O   
267 O O   . HOH C .  ? 0.1666 0.2306 0.2319 -0.0274 0.0556  0.0017  213 HOH A O   
268 O O   . HOH C .  ? 0.1418 0.2169 0.2094 -0.0015 0.0040  -0.0082 214 HOH A O   
269 O O   . HOH C .  ? 0.8154 0.5674 0.5628 0.0384  0.0523  -0.0101 215 HOH A O   
270 O O   . HOH C .  ? 0.1695 0.1964 0.1339 -0.0321 -0.0063 -0.0147 216 HOH A O   
271 O O   . HOH C .  ? 0.3553 0.2300 0.2853 0.0612  -0.0499 0.0099  217 HOH A O   
272 O O   . HOH C .  ? 0.2481 0.4152 0.2678 0.0429  -0.0150 -0.0664 218 HOH A O   
273 O O   . HOH C .  ? 0.5281 0.4774 1.0550 -0.0052 -0.0314 -0.2030 219 HOH A O   
274 O O   . HOH C .  ? 0.3250 0.2354 0.1595 -0.1079 0.0072  -0.0096 220 HOH A O   
275 O O   . HOH C .  ? 0.3764 0.3178 0.2601 0.0689  0.0013  0.0119  221 HOH A O   
276 O O   . HOH C .  ? 0.1202 0.1700 0.1334 0.0129  0.0092  -0.0171 222 HOH A O   
277 O O   . HOH C .  ? 0.2348 0.4512 0.2195 0.0947  -0.0051 0.0003  223 HOH A O   
278 O O   . HOH C .  ? 0.2345 0.2309 0.1911 -0.0043 -0.0109 -0.0206 224 HOH A O   
279 O O   . HOH C .  ? 0.4343 0.9453 0.4938 0.0094  0.0756  -0.0018 225 HOH A O   
280 O O   . HOH C .  ? 0.3633 0.5545 0.6548 -0.0653 -0.0058 -0.1669 226 HOH A O   
281 O O   . HOH C .  ? 0.5102 0.4771 0.6776 0.0486  0.1015  -0.1478 227 HOH A O   
282 O O   . HOH C .  ? 0.2305 0.4005 0.4493 0.0215  -0.0108 -0.1816 228 HOH A O   
283 O O   . HOH C .  ? 0.2687 0.2188 0.2448 0.0395  0.0613  0.0121  229 HOH A O   
284 O O   . HOH C .  ? 0.6342 0.3724 0.4270 0.0719  0.1965  0.0429  230 HOH A O   
285 O O   . HOH C .  ? 1.2861 1.6556 1.0649 0.2233  -0.1922 0.9648  231 HOH A O   
286 O O   . HOH C .  ? 0.4610 0.3139 0.4868 -0.1215 -0.0379 0.0385  232 HOH A O   
287 O O   . HOH C .  ? 0.2766 0.8690 0.3643 -0.0666 0.0418  0.0033  233 HOH A O   
288 O O   . HOH C .  ? 0.9009 0.6215 0.7236 0.1635  0.0881  0.1301  234 HOH A O   
# 
